data_3CNS
#
_entry.id   3CNS
#
_cell.length_a   102.280
_cell.length_b   215.133
_cell.length_c   117.840
_cell.angle_alpha   90.000
_cell.angle_beta   90.000
_cell.angle_gamma   90.000
#
_symmetry.space_group_name_H-M   'C 2 2 21'
#
loop_
_entity.id
_entity.type
_entity.pdbx_description
1 polymer fms1
2 non-polymer 'FLAVIN-ADENINE DINUCLEOTIDE'
3 non-polymer N-{(1S)-3-[(4-aminobutyl)amino]-1-methylpropyl}benzamide
4 water water
#
_entity_poly.entity_id   1
_entity_poly.type   'polypeptide(L)'
_entity_poly.pdbx_seq_one_letter_code
;MNTVSPAKKKVIIIGAGIAGLKAASTLHQNGIQDCLVLEARDRVGGRLQTVTGYQGRKYDIGASWHHDTLTNPLFLEEAQ
LSLNDGRTRFVFDDDNFIYIDEERGRVDHDKELLLEIVDNEMSKFAELEFHQHLGVSDCSFFQLVMKYLLQRRQFLTNDQ
IRYLPQLCRYLELWHGLDWKLLSAKDTYFGHQGRNAFALNYDSVVQRIAQSFPQNWLKLSCEVKSITREPSKNVTVNCED
GTVYNADYVIITVPQSVLNLSVQPEKNLRGRIEFQPPLKPVIQDAFDKIHFGALGKVIFEFEECCWSNESSKIVTLANST
NEFVEIVRNAENLDELDSMLEREDSQKHTSVTCWSQPLFFVNLSKSTGVASFMMLMQAPLTNHIESIREDKERLFSFFQP
VLNKIMKCLDSEDVIDGMRPIENIANANKPVLRNIIVSNWTRDPYSRGAYSACFPGDDPVDMVVAMSNGQDSRIRFAGEH
TIMDGAGCAYGAWESGRREATRISDLLKLEHHHHHH
;
_entity_poly.pdbx_strand_id   A,B
#
# COMPACT_ATOMS: atom_id res chain seq x y z
N PRO A 6 52.20 14.02 19.85
CA PRO A 6 50.97 14.41 19.10
C PRO A 6 50.84 13.61 17.80
N ALA A 7 50.64 12.29 17.94
CA ALA A 7 50.52 11.36 16.80
C ALA A 7 49.68 11.89 15.63
N LYS A 8 50.29 11.87 14.44
CA LYS A 8 49.67 12.33 13.20
C LYS A 8 48.89 11.20 12.53
N LYS A 9 47.70 11.53 12.04
CA LYS A 9 46.85 10.54 11.39
C LYS A 9 46.19 11.14 10.16
N LYS A 10 45.83 10.29 9.22
CA LYS A 10 45.17 10.74 8.00
C LYS A 10 43.70 11.04 8.31
N VAL A 11 43.04 10.09 8.97
CA VAL A 11 41.64 10.25 9.31
C VAL A 11 41.27 9.70 10.68
N ILE A 12 40.61 10.53 11.47
CA ILE A 12 40.15 10.13 12.80
C ILE A 12 38.63 10.00 12.78
N ILE A 13 38.14 8.79 13.00
CA ILE A 13 36.71 8.57 13.03
C ILE A 13 36.27 8.46 14.49
N ILE A 14 35.28 9.25 14.90
CA ILE A 14 34.81 9.19 16.26
C ILE A 14 33.55 8.34 16.30
N GLY A 15 33.61 7.24 17.06
CA GLY A 15 32.46 6.34 17.18
C GLY A 15 32.61 5.09 16.34
N ALA A 16 32.50 3.92 16.97
CA ALA A 16 32.63 2.64 16.28
C ALA A 16 31.28 1.99 15.96
N GLY A 17 30.29 2.82 15.61
CA GLY A 17 29.00 2.27 15.25
C GLY A 17 29.13 1.79 13.81
N ILE A 18 28.02 1.47 13.16
CA ILE A 18 28.11 0.99 11.80
C ILE A 18 28.56 2.06 10.82
N ALA A 19 28.33 3.33 11.14
CA ALA A 19 28.76 4.39 10.22
C ALA A 19 30.27 4.48 10.33
N GLY A 20 30.75 4.62 11.56
CA GLY A 20 32.17 4.72 11.81
C GLY A 20 32.91 3.50 11.30
N LEU A 21 32.36 2.32 11.56
CA LEU A 21 32.98 1.08 11.11
C LEU A 21 33.04 0.98 9.61
N LYS A 22 31.97 1.38 8.93
CA LYS A 22 31.96 1.31 7.47
C LYS A 22 32.87 2.37 6.88
N ALA A 23 32.97 3.52 7.54
CA ALA A 23 33.82 4.58 7.02
C ALA A 23 35.28 4.14 7.03
N ALA A 24 35.70 3.49 8.12
CA ALA A 24 37.07 2.99 8.23
C ALA A 24 37.29 1.88 7.18
N SER A 25 36.24 1.08 6.96
CA SER A 25 36.31 -0.01 5.99
C SER A 25 36.61 0.57 4.62
N THR A 26 35.80 1.54 4.22
CA THR A 26 35.96 2.20 2.93
C THR A 26 37.35 2.80 2.82
N LEU A 27 37.80 3.46 3.88
CA LEU A 27 39.12 4.08 3.88
C LEU A 27 40.21 3.05 3.59
N HIS A 28 40.18 1.93 4.31
CA HIS A 28 41.18 0.88 4.12
C HIS A 28 41.04 0.34 2.70
N GLN A 29 39.81 -0.01 2.34
CA GLN A 29 39.51 -0.55 1.03
C GLN A 29 40.10 0.33 -0.07
N ASN A 30 40.22 1.62 0.20
CA ASN A 30 40.77 2.54 -0.79
C ASN A 30 42.27 2.81 -0.66
N GLY A 31 42.95 2.01 0.16
CA GLY A 31 44.39 2.17 0.32
C GLY A 31 44.88 3.24 1.28
N ILE A 32 43.96 3.87 2.01
CA ILE A 32 44.35 4.90 2.96
C ILE A 32 44.90 4.27 4.23
N GLN A 33 45.99 4.83 4.74
CA GLN A 33 46.62 4.31 5.95
C GLN A 33 46.70 5.33 7.06
N ASP A 34 47.04 4.86 8.26
CA ASP A 34 47.16 5.73 9.41
C ASP A 34 45.86 6.45 9.77
N CYS A 35 44.83 5.65 10.01
CA CYS A 35 43.53 6.15 10.40
C CYS A 35 43.26 5.61 11.79
N LEU A 36 42.22 6.11 12.43
CA LEU A 36 41.90 5.69 13.77
C LEU A 36 40.39 5.74 13.99
N VAL A 37 39.90 4.79 14.79
CA VAL A 37 38.49 4.76 15.15
C VAL A 37 38.45 4.89 16.66
N LEU A 38 37.94 6.01 17.17
CA LEU A 38 37.87 6.22 18.63
C LEU A 38 36.46 5.98 19.15
N GLU A 39 36.31 4.98 20.02
CA GLU A 39 35.02 4.59 20.58
C GLU A 39 34.97 4.68 22.11
N ALA A 40 33.97 5.39 22.63
CA ALA A 40 33.80 5.58 24.07
C ALA A 40 33.50 4.30 24.85
N ARG A 41 32.65 3.44 24.32
CA ARG A 41 32.29 2.20 25.01
C ARG A 41 33.37 1.14 24.87
N ASP A 42 33.23 0.04 25.60
CA ASP A 42 34.21 -1.04 25.54
C ASP A 42 33.91 -2.01 24.41
N ARG A 43 33.09 -1.58 23.44
CA ARG A 43 32.73 -2.43 22.31
C ARG A 43 32.43 -1.63 21.04
N VAL A 44 32.36 -2.33 19.92
CA VAL A 44 32.04 -1.69 18.66
C VAL A 44 30.57 -2.00 18.41
N GLY A 45 29.99 -1.42 17.36
CA GLY A 45 28.59 -1.69 17.06
C GLY A 45 27.64 -0.56 17.38
N GLY A 46 27.85 0.10 18.53
CA GLY A 46 26.97 1.19 18.91
C GLY A 46 25.53 0.72 19.09
N ARG A 47 24.62 1.31 18.32
CA ARG A 47 23.22 0.94 18.42
C ARG A 47 22.89 -0.43 17.84
N LEU A 48 23.96 -1.16 17.47
CA LEU A 48 23.84 -2.53 16.96
C LEU A 48 24.58 -3.33 18.02
N GLN A 49 23.83 -3.95 18.92
CA GLN A 49 24.41 -4.74 20.00
C GLN A 49 23.66 -6.04 20.23
N THR A 50 24.39 -7.14 20.29
CA THR A 50 23.74 -8.42 20.53
C THR A 50 24.03 -8.90 21.93
N VAL A 51 22.99 -9.12 22.71
CA VAL A 51 23.14 -9.58 24.09
C VAL A 51 22.82 -11.07 24.27
N THR A 52 23.31 -11.63 25.37
CA THR A 52 23.08 -13.04 25.68
C THR A 52 22.16 -13.21 26.86
N GLY A 53 21.24 -14.17 26.77
CA GLY A 53 20.30 -14.39 27.85
C GLY A 53 20.23 -15.84 28.29
N TYR A 54 19.07 -16.21 28.84
CA TYR A 54 18.83 -17.56 29.32
C TYR A 54 19.35 -18.64 28.34
N GLN A 55 20.22 -19.50 28.85
CA GLN A 55 20.81 -20.60 28.08
C GLN A 55 21.66 -20.26 26.85
N GLY A 56 22.16 -19.03 26.76
CA GLY A 56 22.98 -18.69 25.62
C GLY A 56 22.21 -18.15 24.43
N ARG A 57 20.91 -17.94 24.60
CA ARG A 57 20.09 -17.41 23.52
C ARG A 57 20.58 -16.00 23.24
N LYS A 58 20.65 -15.64 21.96
CA LYS A 58 21.14 -14.33 21.55
C LYS A 58 20.00 -13.44 21.03
N TYR A 59 20.05 -12.16 21.39
CA TYR A 59 19.04 -11.22 20.95
C TYR A 59 19.67 -9.88 20.58
N ASP A 60 19.15 -9.25 19.53
CA ASP A 60 19.63 -7.95 19.13
C ASP A 60 18.81 -6.94 19.95
N ILE A 61 19.48 -6.25 20.88
CA ILE A 61 18.80 -5.28 21.74
C ILE A 61 18.73 -3.89 21.09
N GLY A 62 19.43 -3.74 19.97
CA GLY A 62 19.40 -2.50 19.20
C GLY A 62 18.63 -2.89 17.95
N ALA A 63 19.18 -2.57 16.77
CA ALA A 63 18.52 -2.92 15.51
C ALA A 63 18.39 -4.43 15.32
N SER A 64 17.29 -4.86 14.70
CA SER A 64 17.04 -6.28 14.47
C SER A 64 16.77 -6.61 13.01
N TRP A 65 16.24 -5.65 12.28
CA TRP A 65 15.87 -5.88 10.88
C TRP A 65 16.62 -5.11 9.83
N HIS A 66 16.67 -5.71 8.65
CA HIS A 66 17.23 -5.09 7.46
C HIS A 66 15.92 -4.61 6.83
N HIS A 67 15.75 -3.31 6.69
CA HIS A 67 14.53 -2.80 6.09
C HIS A 67 14.76 -2.58 4.61
N ASP A 68 13.67 -2.38 3.87
CA ASP A 68 13.74 -2.13 2.44
C ASP A 68 14.65 -3.09 1.70
N THR A 69 14.47 -4.39 1.90
CA THR A 69 15.32 -5.39 1.26
C THR A 69 15.40 -5.38 -0.27
N LEU A 70 14.60 -4.55 -0.94
CA LEU A 70 14.65 -4.47 -2.39
C LEU A 70 15.74 -3.53 -2.87
N THR A 71 16.08 -2.55 -2.03
CA THR A 71 17.08 -1.54 -2.36
C THR A 71 18.21 -1.40 -1.34
N ASN A 72 17.99 -1.89 -0.12
CA ASN A 72 18.98 -1.80 0.96
C ASN A 72 20.37 -2.32 0.53
N PRO A 73 21.33 -1.43 0.29
CA PRO A 73 22.66 -1.92 -0.11
C PRO A 73 23.34 -2.84 0.91
N LEU A 74 23.20 -2.53 2.20
CA LEU A 74 23.78 -3.36 3.23
C LEU A 74 23.20 -4.76 3.19
N PHE A 75 21.90 -4.85 2.97
CA PHE A 75 21.25 -6.16 2.92
C PHE A 75 21.70 -6.98 1.70
N LEU A 76 21.68 -6.35 0.53
CA LEU A 76 22.07 -7.03 -0.69
C LEU A 76 23.49 -7.58 -0.54
N GLU A 77 24.35 -6.80 0.10
CA GLU A 77 25.72 -7.23 0.33
C GLU A 77 25.69 -8.50 1.18
N GLU A 78 24.91 -8.49 2.25
CA GLU A 78 24.79 -9.66 3.11
C GLU A 78 24.22 -10.84 2.33
N ALA A 79 23.17 -10.55 1.57
CA ALA A 79 22.49 -11.56 0.77
C ALA A 79 23.41 -12.26 -0.22
N GLN A 80 24.40 -11.54 -0.75
CA GLN A 80 25.32 -12.13 -1.70
C GLN A 80 26.23 -13.14 -0.99
N LEU A 81 26.74 -12.77 0.17
CA LEU A 81 27.60 -13.67 0.92
C LEU A 81 26.88 -14.99 1.13
N SER A 82 25.61 -14.92 1.53
CA SER A 82 24.81 -16.11 1.78
C SER A 82 24.50 -16.93 0.54
N LEU A 83 24.56 -16.29 -0.62
CA LEU A 83 24.30 -16.99 -1.87
C LEU A 83 25.55 -17.80 -2.23
N ASN A 84 26.71 -17.27 -1.81
CA ASN A 84 28.00 -17.90 -2.10
C ASN A 84 28.43 -19.00 -1.14
N ASP A 85 28.03 -18.91 0.13
CA ASP A 85 28.42 -19.91 1.09
C ASP A 85 27.25 -20.61 1.77
N GLY A 86 26.06 -20.32 1.27
CA GLY A 86 24.85 -20.93 1.80
C GLY A 86 24.64 -20.86 3.31
N ARG A 87 25.18 -19.84 3.95
CA ARG A 87 25.01 -19.71 5.38
C ARG A 87 23.88 -18.74 5.72
N THR A 88 23.03 -19.14 6.66
CA THR A 88 21.90 -18.34 7.09
C THR A 88 22.32 -17.12 7.90
N ARG A 89 22.16 -15.94 7.31
CA ARG A 89 22.51 -14.70 7.98
C ARG A 89 21.29 -13.89 8.45
N PHE A 90 20.13 -14.21 7.88
CA PHE A 90 18.89 -13.51 8.20
C PHE A 90 17.68 -14.37 7.87
N VAL A 91 16.49 -13.84 8.17
CA VAL A 91 15.27 -14.56 7.87
C VAL A 91 14.08 -13.61 7.64
N PHE A 92 13.44 -13.74 6.48
CA PHE A 92 12.28 -12.89 6.18
C PHE A 92 11.17 -13.34 7.09
N ASP A 93 10.83 -12.49 8.05
CA ASP A 93 9.82 -12.83 9.03
C ASP A 93 8.60 -11.94 9.00
N ASP A 94 8.31 -11.32 7.88
CA ASP A 94 7.10 -10.51 7.83
C ASP A 94 6.00 -11.57 7.94
N ASP A 95 4.88 -11.22 8.55
CA ASP A 95 3.79 -12.17 8.75
C ASP A 95 2.49 -11.40 8.90
N ASN A 96 1.37 -12.10 8.82
CA ASN A 96 0.08 -11.44 8.99
C ASN A 96 -0.05 -11.07 10.46
N PHE A 97 -0.16 -9.78 10.73
CA PHE A 97 -0.26 -9.27 12.10
C PHE A 97 -1.44 -9.79 12.90
N ILE A 98 -1.17 -10.14 14.14
CA ILE A 98 -2.24 -10.59 15.02
C ILE A 98 -2.44 -9.39 15.93
N TYR A 99 -3.68 -8.93 16.02
CA TYR A 99 -4.02 -7.77 16.84
C TYR A 99 -4.91 -8.22 17.98
N ILE A 100 -4.53 -7.83 19.19
CA ILE A 100 -5.23 -8.23 20.39
C ILE A 100 -5.73 -7.12 21.30
N ASP A 101 -7.03 -7.13 21.56
CA ASP A 101 -7.63 -6.16 22.46
C ASP A 101 -7.81 -6.85 23.79
N GLU A 102 -7.66 -6.12 24.88
CA GLU A 102 -7.82 -6.72 26.19
C GLU A 102 -9.23 -7.28 26.35
N GLU A 103 -10.17 -6.69 25.64
CA GLU A 103 -11.57 -7.09 25.69
C GLU A 103 -11.96 -8.04 24.56
N ARG A 104 -12.30 -7.47 23.42
CA ARG A 104 -12.74 -8.20 22.23
C ARG A 104 -11.77 -9.28 21.71
N GLY A 105 -10.70 -9.56 22.45
CA GLY A 105 -9.74 -10.57 22.00
C GLY A 105 -9.08 -10.22 20.68
N ARG A 106 -8.88 -11.23 19.81
CA ARG A 106 -8.26 -11.01 18.50
C ARG A 106 -9.18 -10.23 17.57
N VAL A 107 -8.67 -9.14 17.02
CA VAL A 107 -9.45 -8.31 16.12
C VAL A 107 -8.84 -8.21 14.73
N ASP A 108 -7.82 -9.02 14.47
CA ASP A 108 -7.17 -8.99 13.15
C ASP A 108 -7.97 -9.79 12.13
N HIS A 109 -7.81 -9.45 10.85
CA HIS A 109 -8.47 -10.16 9.77
C HIS A 109 -9.90 -10.56 10.18
N ASP A 110 -10.68 -9.57 10.60
CA ASP A 110 -12.04 -9.81 11.06
C ASP A 110 -13.10 -9.44 10.02
N LYS A 111 -13.92 -10.42 9.67
CA LYS A 111 -14.99 -10.28 8.66
C LYS A 111 -15.97 -9.13 8.85
N GLU A 112 -16.08 -8.63 10.08
CA GLU A 112 -16.99 -7.52 10.35
C GLU A 112 -16.20 -6.24 10.63
N LEU A 113 -15.16 -6.35 11.46
CA LEU A 113 -14.35 -5.17 11.80
C LEU A 113 -13.52 -4.67 10.61
N LEU A 114 -12.97 -5.60 9.83
CA LEU A 114 -12.16 -5.25 8.65
C LEU A 114 -11.23 -4.08 8.93
N LEU A 115 -10.54 -4.14 10.07
CA LEU A 115 -9.63 -3.08 10.49
C LEU A 115 -8.50 -2.77 9.52
N GLU A 116 -7.80 -3.81 9.07
CA GLU A 116 -6.70 -3.62 8.14
C GLU A 116 -7.19 -2.87 6.91
N ILE A 117 -8.42 -3.14 6.48
CA ILE A 117 -8.95 -2.46 5.31
C ILE A 117 -9.11 -0.95 5.51
N VAL A 118 -9.75 -0.54 6.60
CA VAL A 118 -9.89 0.90 6.81
C VAL A 118 -8.53 1.52 7.17
N ASP A 119 -7.62 0.73 7.71
CA ASP A 119 -6.29 1.27 8.04
C ASP A 119 -5.65 1.67 6.71
N ASN A 120 -5.83 0.82 5.70
CA ASN A 120 -5.28 1.10 4.39
C ASN A 120 -5.88 2.41 3.88
N GLU A 121 -7.17 2.63 4.12
CA GLU A 121 -7.83 3.87 3.69
C GLU A 121 -7.28 5.08 4.44
N MET A 122 -7.03 4.92 5.73
CA MET A 122 -6.49 6.02 6.54
C MET A 122 -5.13 6.39 5.97
N SER A 123 -4.35 5.37 5.64
CA SER A 123 -3.05 5.57 5.05
C SER A 123 -3.19 6.40 3.78
N LYS A 124 -4.11 6.01 2.88
CA LYS A 124 -4.29 6.77 1.63
C LYS A 124 -4.82 8.17 1.91
N PHE A 125 -5.60 8.31 2.98
CA PHE A 125 -6.14 9.61 3.39
C PHE A 125 -5.00 10.55 3.81
N ALA A 126 -4.06 10.04 4.60
CA ALA A 126 -2.91 10.82 5.06
C ALA A 126 -2.06 11.23 3.86
N GLU A 127 -1.83 10.27 2.96
CA GLU A 127 -1.05 10.54 1.77
C GLU A 127 -1.73 11.64 0.95
N LEU A 128 -3.05 11.53 0.78
CA LEU A 128 -3.76 12.55 0.01
C LEU A 128 -3.68 13.90 0.73
N GLU A 129 -3.66 13.85 2.06
CA GLU A 129 -3.60 15.06 2.86
C GLU A 129 -2.29 15.83 2.69
N PHE A 130 -1.16 15.12 2.56
CA PHE A 130 0.13 15.78 2.42
C PHE A 130 0.78 15.72 1.04
N HIS A 131 0.57 14.61 0.32
CA HIS A 131 1.13 14.43 -1.02
C HIS A 131 0.68 15.60 -1.89
N GLN A 132 -0.38 16.27 -1.43
CA GLN A 132 -0.95 17.42 -2.09
C GLN A 132 -0.06 18.63 -1.76
N HIS A 133 1.03 18.77 -2.50
CA HIS A 133 2.01 19.85 -2.30
C HIS A 133 1.40 21.20 -1.90
N LEU A 134 1.50 21.55 -0.62
CA LEU A 134 0.97 22.81 -0.10
C LEU A 134 1.67 23.19 1.20
N GLY A 135 1.25 24.32 1.77
CA GLY A 135 1.80 24.75 3.04
C GLY A 135 0.85 24.13 4.06
N VAL A 136 0.49 22.89 3.77
CA VAL A 136 -0.44 22.09 4.56
C VAL A 136 -0.42 22.27 6.06
N SER A 137 0.76 22.40 6.67
CA SER A 137 0.84 22.58 8.11
C SER A 137 0.78 21.24 8.84
N ASP A 138 1.80 20.98 9.66
CA ASP A 138 1.91 19.74 10.41
C ASP A 138 0.97 19.67 11.63
N CYS A 139 0.78 18.46 12.12
CA CYS A 139 -0.03 18.20 13.30
C CYS A 139 0.46 16.84 13.78
N SER A 140 0.02 16.39 14.95
CA SER A 140 0.46 15.08 15.44
C SER A 140 -0.29 13.98 14.69
N PHE A 141 0.28 12.79 14.73
CA PHE A 141 -0.32 11.64 14.07
C PHE A 141 -1.74 11.44 14.66
N PHE A 142 -1.84 11.62 15.98
CA PHE A 142 -3.12 11.50 16.68
C PHE A 142 -4.17 12.42 16.07
N GLN A 143 -3.80 13.69 15.87
CA GLN A 143 -4.71 14.66 15.29
C GLN A 143 -5.10 14.24 13.88
N LEU A 144 -4.19 13.57 13.18
CA LEU A 144 -4.45 13.12 11.82
C LEU A 144 -5.47 12.00 11.81
N VAL A 145 -5.45 11.13 12.83
CA VAL A 145 -6.40 10.03 12.90
C VAL A 145 -7.79 10.54 13.28
N MET A 146 -7.83 11.58 14.12
CA MET A 146 -9.09 12.16 14.54
C MET A 146 -9.72 12.83 13.34
N LYS A 147 -8.89 13.50 12.55
CA LYS A 147 -9.38 14.17 11.37
C LYS A 147 -9.94 13.16 10.39
N TYR A 148 -9.35 11.97 10.34
CA TYR A 148 -9.84 10.94 9.44
C TYR A 148 -11.20 10.43 9.92
N LEU A 149 -11.27 10.10 11.22
CA LEU A 149 -12.51 9.61 11.80
C LEU A 149 -13.67 10.58 11.55
N LEU A 150 -13.39 11.87 11.70
CA LEU A 150 -14.41 12.89 11.51
C LEU A 150 -14.87 12.96 10.07
N GLN A 151 -13.94 12.99 9.15
CA GLN A 151 -14.28 13.08 7.73
C GLN A 151 -14.99 11.86 7.18
N ARG A 152 -14.72 10.68 7.74
CA ARG A 152 -15.31 9.45 7.23
C ARG A 152 -16.22 8.73 8.21
N ARG A 153 -16.72 9.43 9.22
CA ARG A 153 -17.60 8.79 10.21
C ARG A 153 -18.86 8.16 9.56
N GLN A 154 -19.38 8.78 8.50
CA GLN A 154 -20.57 8.27 7.83
C GLN A 154 -20.33 6.91 7.18
N PHE A 155 -19.07 6.57 6.99
CA PHE A 155 -18.70 5.31 6.33
C PHE A 155 -17.97 4.33 7.24
N LEU A 156 -18.12 4.52 8.54
CA LEU A 156 -17.48 3.64 9.51
C LEU A 156 -18.45 3.15 10.57
N THR A 157 -18.31 1.89 10.95
CA THR A 157 -19.14 1.31 11.99
C THR A 157 -18.59 1.80 13.34
N ASN A 158 -19.38 1.66 14.40
CA ASN A 158 -18.95 2.07 15.73
C ASN A 158 -17.64 1.38 16.09
N ASP A 159 -17.61 0.06 15.93
CA ASP A 159 -16.43 -0.72 16.22
C ASP A 159 -15.19 -0.30 15.45
N GLN A 160 -15.37 0.14 14.21
CA GLN A 160 -14.22 0.58 13.42
C GLN A 160 -13.69 1.89 14.00
N ILE A 161 -14.60 2.81 14.33
CA ILE A 161 -14.23 4.09 14.93
C ILE A 161 -13.57 3.89 16.29
N ARG A 162 -13.90 2.80 16.96
CA ARG A 162 -13.34 2.53 18.28
C ARG A 162 -11.96 1.91 18.23
N TYR A 163 -11.82 0.87 17.42
CA TYR A 163 -10.56 0.15 17.33
C TYR A 163 -9.55 0.58 16.27
N LEU A 164 -10.00 1.14 15.15
CA LEU A 164 -9.06 1.55 14.11
C LEU A 164 -7.94 2.42 14.64
N PRO A 165 -8.29 3.51 15.36
CA PRO A 165 -7.28 4.43 15.92
C PRO A 165 -6.24 3.70 16.76
N GLN A 166 -6.69 2.75 17.56
CA GLN A 166 -5.77 1.99 18.39
C GLN A 166 -4.88 1.08 17.55
N LEU A 167 -5.45 0.47 16.51
CA LEU A 167 -4.70 -0.44 15.65
C LEU A 167 -3.64 0.26 14.79
N CYS A 168 -3.94 1.46 14.32
CA CYS A 168 -3.00 2.21 13.49
C CYS A 168 -1.82 2.73 14.30
N ARG A 169 -1.90 2.60 15.63
CA ARG A 169 -0.82 3.06 16.48
C ARG A 169 0.38 2.14 16.48
N TYR A 170 0.31 1.03 15.74
CA TYR A 170 1.47 0.15 15.66
C TYR A 170 2.60 1.00 15.06
N LEU A 171 2.24 2.05 14.32
CA LEU A 171 3.24 2.92 13.72
C LEU A 171 4.13 3.59 14.77
N GLU A 172 3.65 3.64 16.03
CA GLU A 172 4.42 4.23 17.11
C GLU A 172 5.69 3.41 17.29
N LEU A 173 5.56 2.11 17.08
CA LEU A 173 6.72 1.26 17.25
C LEU A 173 7.71 1.40 16.13
N TRP A 174 7.38 2.19 15.11
CA TRP A 174 8.33 2.38 14.03
C TRP A 174 9.15 3.65 14.29
N HIS A 175 8.56 4.61 14.99
CA HIS A 175 9.21 5.86 15.28
C HIS A 175 9.75 5.93 16.70
N GLY A 176 9.20 5.10 17.58
CA GLY A 176 9.59 5.09 18.98
C GLY A 176 8.93 6.24 19.72
N LEU A 177 7.79 6.72 19.19
CA LEU A 177 7.07 7.84 19.80
C LEU A 177 5.57 7.67 19.88
N ASP A 178 4.99 8.18 20.96
CA ASP A 178 3.54 8.16 21.17
C ASP A 178 2.91 8.98 20.04
N TRP A 179 1.73 8.57 19.57
CA TRP A 179 1.08 9.27 18.48
C TRP A 179 0.79 10.76 18.71
N LYS A 180 0.88 11.23 19.95
CA LYS A 180 0.64 12.65 20.22
C LYS A 180 1.94 13.45 20.16
N LEU A 181 3.06 12.74 20.18
CA LEU A 181 4.36 13.37 20.11
C LEU A 181 4.91 13.22 18.69
N LEU A 182 4.26 12.39 17.89
CA LEU A 182 4.71 12.12 16.53
C LEU A 182 4.17 13.07 15.46
N SER A 183 5.06 13.49 14.58
CA SER A 183 4.70 14.37 13.47
C SER A 183 3.87 13.59 12.45
N ALA A 184 2.69 14.11 12.13
CA ALA A 184 1.83 13.47 11.15
C ALA A 184 2.54 13.38 9.78
N LYS A 185 3.13 14.48 9.33
CA LYS A 185 3.85 14.51 8.06
C LYS A 185 4.90 13.42 7.88
N ASP A 186 5.50 12.98 8.99
CA ASP A 186 6.56 11.97 8.91
C ASP A 186 6.14 10.57 9.31
N THR A 187 4.89 10.39 9.70
CA THR A 187 4.41 9.09 10.14
C THR A 187 4.49 7.97 9.11
N TYR A 188 3.91 8.19 7.93
CA TYR A 188 3.94 7.17 6.89
C TYR A 188 5.21 7.21 6.01
N PHE A 189 5.96 6.13 6.08
CA PHE A 189 7.20 5.96 5.34
C PHE A 189 6.94 4.94 4.25
N GLY A 190 7.69 5.03 3.16
CA GLY A 190 7.50 4.08 2.09
C GLY A 190 8.41 2.87 2.21
N HIS A 191 7.89 1.77 2.75
CA HIS A 191 8.70 0.56 2.88
C HIS A 191 9.04 0.08 1.47
N GLN A 192 10.32 -0.18 1.20
CA GLN A 192 10.68 -0.65 -0.13
C GLN A 192 10.97 -2.15 -0.13
N GLY A 193 9.91 -2.93 0.09
CA GLY A 193 10.02 -4.36 0.13
C GLY A 193 9.95 -4.91 1.54
N ARG A 194 9.97 -6.22 1.66
CA ARG A 194 9.92 -6.90 2.95
C ARG A 194 11.14 -6.65 3.82
N ASN A 195 10.99 -6.97 5.11
CA ASN A 195 12.07 -6.84 6.08
C ASN A 195 12.71 -8.20 6.31
N ALA A 196 13.98 -8.20 6.71
CA ALA A 196 14.70 -9.43 6.98
C ALA A 196 15.30 -9.34 8.38
N PHE A 197 14.89 -10.26 9.23
CA PHE A 197 15.36 -10.32 10.61
C PHE A 197 16.80 -10.81 10.61
N ALA A 198 17.74 -9.96 11.04
CA ALA A 198 19.14 -10.37 11.07
C ALA A 198 19.31 -11.40 12.16
N LEU A 199 19.96 -12.51 11.83
CA LEU A 199 20.20 -13.55 12.80
C LEU A 199 21.61 -13.28 13.27
N ASN A 200 21.72 -12.21 14.04
CA ASN A 200 22.97 -11.76 14.58
C ASN A 200 23.41 -10.54 13.80
N TYR A 201 22.96 -9.35 14.21
CA TYR A 201 23.39 -8.13 13.53
C TYR A 201 24.88 -7.96 13.86
N ASP A 202 25.29 -8.52 15.01
CA ASP A 202 26.68 -8.46 15.47
C ASP A 202 27.63 -9.10 14.47
N SER A 203 27.13 -10.08 13.72
CA SER A 203 27.93 -10.75 12.70
C SER A 203 28.16 -9.78 11.55
N VAL A 204 27.26 -8.81 11.40
CA VAL A 204 27.40 -7.80 10.36
C VAL A 204 28.44 -6.81 10.87
N VAL A 205 28.32 -6.45 12.15
CA VAL A 205 29.26 -5.52 12.77
C VAL A 205 30.68 -6.09 12.76
N GLN A 206 30.83 -7.34 13.18
CA GLN A 206 32.13 -7.96 13.22
C GLN A 206 32.74 -8.13 11.82
N ARG A 207 31.91 -8.46 10.83
CA ARG A 207 32.42 -8.63 9.47
C ARG A 207 32.98 -7.33 8.91
N ILE A 208 32.35 -6.20 9.24
CA ILE A 208 32.82 -4.91 8.76
C ILE A 208 34.01 -4.46 9.61
N ALA A 209 33.94 -4.76 10.90
CA ALA A 209 35.03 -4.38 11.79
C ALA A 209 36.30 -5.14 11.37
N GLN A 210 36.11 -6.39 10.94
CA GLN A 210 37.19 -7.26 10.50
C GLN A 210 37.82 -6.83 9.17
N SER A 211 37.19 -5.89 8.47
CA SER A 211 37.68 -5.47 7.17
C SER A 211 38.80 -4.45 7.15
N PHE A 212 39.32 -4.06 8.32
CA PHE A 212 40.41 -3.09 8.36
C PHE A 212 41.35 -3.35 9.54
N PRO A 213 42.50 -2.67 9.59
CA PRO A 213 43.48 -2.83 10.66
C PRO A 213 42.96 -2.80 12.10
N GLN A 214 43.21 -3.88 12.84
CA GLN A 214 42.81 -3.98 14.24
C GLN A 214 43.35 -2.80 15.06
N ASN A 215 44.64 -2.50 14.87
CA ASN A 215 45.29 -1.41 15.60
C ASN A 215 44.67 -0.04 15.32
N TRP A 216 43.68 0.00 14.43
CA TRP A 216 42.99 1.24 14.10
C TRP A 216 41.93 1.55 15.16
N LEU A 217 41.50 0.50 15.86
CA LEU A 217 40.46 0.59 16.87
C LEU A 217 40.94 0.98 18.27
N LYS A 218 40.35 2.03 18.81
CA LYS A 218 40.72 2.49 20.14
C LYS A 218 39.44 2.51 20.96
N LEU A 219 39.17 1.43 21.66
CA LEU A 219 37.96 1.33 22.47
C LEU A 219 38.11 2.00 23.83
N SER A 220 36.99 2.25 24.49
CA SER A 220 37.00 2.91 25.79
C SER A 220 37.76 4.25 25.77
N CYS A 221 37.75 4.95 24.62
CA CYS A 221 38.35 6.30 24.54
C CYS A 221 37.19 7.25 24.19
N GLU A 222 36.88 8.14 25.12
CA GLU A 222 35.81 9.11 24.95
C GLU A 222 36.37 10.43 24.43
N VAL A 223 36.05 10.78 23.18
CA VAL A 223 36.52 12.03 22.58
C VAL A 223 35.81 13.18 23.29
N LYS A 224 36.59 14.16 23.78
CA LYS A 224 36.03 15.31 24.51
C LYS A 224 35.98 16.60 23.70
N SER A 225 36.91 16.75 22.76
CA SER A 225 36.93 17.96 21.98
C SER A 225 37.64 17.82 20.66
N ILE A 226 37.20 18.64 19.72
CA ILE A 226 37.74 18.66 18.38
C ILE A 226 37.98 20.13 18.05
N THR A 227 39.20 20.44 17.61
CA THR A 227 39.54 21.82 17.28
C THR A 227 40.09 21.93 15.86
N ARG A 228 39.68 22.97 15.14
CA ARG A 228 40.16 23.18 13.78
C ARG A 228 41.30 24.16 13.85
N GLU A 229 42.49 23.72 13.44
CA GLU A 229 43.67 24.57 13.47
C GLU A 229 43.70 25.47 12.26
N PRO A 230 44.06 26.75 12.46
CA PRO A 230 44.12 27.68 11.32
C PRO A 230 45.09 27.13 10.27
N SER A 231 46.05 26.33 10.73
CA SER A 231 47.06 25.73 9.86
C SER A 231 46.59 24.42 9.20
N LYS A 232 45.39 24.48 8.61
CA LYS A 232 44.77 23.36 7.90
C LYS A 232 44.91 21.93 8.46
N ASN A 233 44.29 21.67 9.61
CA ASN A 233 44.30 20.32 10.20
C ASN A 233 43.43 20.29 11.46
N VAL A 234 43.16 19.10 11.98
CA VAL A 234 42.30 18.97 13.16
C VAL A 234 42.89 18.26 14.37
N THR A 235 42.68 18.86 15.54
CA THR A 235 43.18 18.31 16.81
C THR A 235 42.02 17.64 17.59
N VAL A 236 42.27 16.42 18.09
CA VAL A 236 41.27 15.67 18.85
C VAL A 236 41.80 15.24 20.21
N ASN A 237 40.97 15.32 21.25
CA ASN A 237 41.39 14.93 22.60
C ASN A 237 40.54 13.83 23.26
N CYS A 238 41.13 12.64 23.52
CA CYS A 238 40.40 11.57 24.22
C CYS A 238 40.39 12.07 25.66
N GLU A 239 39.46 11.60 26.49
CA GLU A 239 39.39 12.06 27.87
C GLU A 239 40.60 11.67 28.71
N ASP A 240 41.24 10.57 28.35
CA ASP A 240 42.42 10.15 29.11
C ASP A 240 43.69 10.80 28.53
N GLY A 241 43.75 12.12 28.63
CA GLY A 241 44.88 12.89 28.16
C GLY A 241 45.28 12.81 26.71
N THR A 242 45.21 11.60 26.15
CA THR A 242 45.57 11.34 24.76
C THR A 242 45.21 12.47 23.78
N VAL A 243 46.11 12.76 22.85
CA VAL A 243 45.88 13.83 21.87
C VAL A 243 46.31 13.40 20.47
N TYR A 244 45.50 13.75 19.47
CA TYR A 244 45.79 13.42 18.08
C TYR A 244 45.49 14.61 17.20
N ASN A 245 46.00 14.59 15.99
CA ASN A 245 45.72 15.67 15.04
C ASN A 245 45.70 14.98 13.70
N ALA A 246 44.59 15.13 12.99
CA ALA A 246 44.44 14.48 11.71
C ALA A 246 44.06 15.46 10.61
N ASP A 247 44.14 14.97 9.39
CA ASP A 247 43.79 15.77 8.23
C ASP A 247 42.26 15.89 8.19
N TYR A 248 41.58 14.78 8.49
CA TYR A 248 40.13 14.77 8.49
C TYR A 248 39.57 14.00 9.67
N VAL A 249 38.33 14.32 10.02
CA VAL A 249 37.64 13.63 11.11
C VAL A 249 36.19 13.42 10.69
N ILE A 250 35.72 12.20 10.87
CA ILE A 250 34.35 11.87 10.56
C ILE A 250 33.67 11.60 11.90
N ILE A 251 32.80 12.53 12.31
CA ILE A 251 32.08 12.39 13.58
C ILE A 251 30.77 11.61 13.38
N THR A 252 30.65 10.47 14.06
CA THR A 252 29.47 9.61 13.95
C THR A 252 28.65 9.45 15.23
N VAL A 253 28.88 10.30 16.23
CA VAL A 253 28.12 10.15 17.47
C VAL A 253 26.65 10.52 17.19
N PRO A 254 25.72 9.87 17.92
CA PRO A 254 24.29 10.11 17.78
C PRO A 254 23.90 11.58 17.80
N GLN A 255 22.83 11.90 17.08
CA GLN A 255 22.32 13.25 17.01
C GLN A 255 22.11 13.81 18.41
N SER A 256 21.63 12.97 19.33
CA SER A 256 21.39 13.38 20.71
C SER A 256 22.68 13.74 21.46
N VAL A 257 23.75 12.98 21.23
CA VAL A 257 25.02 13.26 21.87
C VAL A 257 25.63 14.53 21.25
N LEU A 258 25.58 14.63 19.93
CA LEU A 258 26.11 15.81 19.24
C LEU A 258 25.37 17.06 19.69
N ASN A 259 24.09 16.90 19.97
CA ASN A 259 23.25 18.02 20.40
C ASN A 259 23.83 18.68 21.66
N LEU A 260 24.46 17.88 22.51
CA LEU A 260 25.05 18.38 23.74
C LEU A 260 26.11 19.46 23.45
N SER A 261 26.68 19.44 22.24
CA SER A 261 27.69 20.42 21.85
C SER A 261 27.16 21.86 21.84
N VAL A 262 25.92 22.06 21.42
CA VAL A 262 25.37 23.41 21.36
C VAL A 262 24.95 23.94 22.73
N GLN A 263 25.14 23.12 23.76
CA GLN A 263 24.81 23.49 25.13
C GLN A 263 26.10 23.80 25.91
N PRO A 264 26.03 24.74 26.87
CA PRO A 264 27.19 25.13 27.69
C PRO A 264 27.26 24.24 28.94
N GLU A 265 28.38 23.53 29.08
CA GLU A 265 28.63 22.61 30.18
C GLU A 265 29.45 21.53 29.50
N LYS A 266 30.75 21.49 29.78
CA LYS A 266 31.62 20.51 29.14
C LYS A 266 31.66 19.15 29.82
N ASN A 267 31.21 19.09 31.06
CA ASN A 267 31.25 17.84 31.81
C ASN A 267 30.04 16.93 31.62
N LEU A 268 29.76 16.58 30.37
CA LEU A 268 28.65 15.70 30.04
C LEU A 268 29.24 14.53 29.31
N ARG A 269 29.07 13.33 29.84
CA ARG A 269 29.59 12.12 29.21
C ARG A 269 29.19 12.08 27.74
N GLY A 270 30.17 12.06 26.84
CA GLY A 270 29.88 12.00 25.42
C GLY A 270 29.96 13.32 24.67
N ARG A 271 29.69 14.43 25.35
CA ARG A 271 29.73 15.74 24.72
C ARG A 271 31.12 16.10 24.17
N ILE A 272 31.13 16.70 22.99
CA ILE A 272 32.36 17.11 22.35
C ILE A 272 32.41 18.63 22.28
N GLU A 273 33.55 19.20 22.68
CA GLU A 273 33.74 20.65 22.62
C GLU A 273 34.27 20.95 21.23
N PHE A 274 33.51 21.70 20.45
CA PHE A 274 33.93 22.05 19.10
C PHE A 274 34.55 23.46 19.09
N GLN A 275 35.68 23.60 18.39
CA GLN A 275 36.40 24.87 18.28
C GLN A 275 36.96 25.06 16.88
N PRO A 276 36.39 26.01 16.11
CA PRO A 276 35.27 26.87 16.49
C PRO A 276 33.99 26.05 16.69
N PRO A 277 33.01 26.63 17.41
CA PRO A 277 31.76 25.90 17.65
C PRO A 277 31.02 25.60 16.35
N LEU A 278 30.17 24.58 16.38
CA LEU A 278 29.41 24.17 15.22
C LEU A 278 28.67 25.36 14.62
N LYS A 279 28.77 25.52 13.30
CA LYS A 279 28.12 26.61 12.59
C LYS A 279 26.64 26.71 12.91
N PRO A 280 26.08 27.92 12.83
CA PRO A 280 24.66 28.15 13.11
C PRO A 280 23.71 27.23 12.34
N VAL A 281 24.05 26.89 11.11
CA VAL A 281 23.20 26.01 10.31
C VAL A 281 23.06 24.63 10.97
N ILE A 282 24.09 24.21 11.69
CA ILE A 282 24.06 22.93 12.38
C ILE A 282 23.33 23.08 13.70
N GLN A 283 23.74 24.05 14.51
CA GLN A 283 23.10 24.30 15.79
C GLN A 283 21.58 24.43 15.63
N ASP A 284 21.16 25.34 14.74
CA ASP A 284 19.73 25.59 14.51
C ASP A 284 18.97 24.38 14.01
N ALA A 285 19.65 23.48 13.30
CA ALA A 285 18.95 22.30 12.79
C ALA A 285 18.42 21.43 13.95
N PHE A 286 19.05 21.53 15.11
CA PHE A 286 18.62 20.75 16.27
C PHE A 286 17.25 21.17 16.77
N ASP A 287 16.79 22.35 16.34
CA ASP A 287 15.48 22.81 16.75
C ASP A 287 14.42 22.22 15.82
N LYS A 288 14.87 21.62 14.72
CA LYS A 288 13.95 21.07 13.73
C LYS A 288 13.91 19.56 13.58
N ILE A 289 14.48 18.85 14.55
CA ILE A 289 14.45 17.38 14.52
C ILE A 289 14.73 16.91 15.92
N HIS A 290 14.17 15.76 16.27
CA HIS A 290 14.37 15.27 17.62
C HIS A 290 14.78 13.82 17.75
N PHE A 291 14.56 13.24 18.91
CA PHE A 291 15.00 11.88 19.11
C PHE A 291 13.94 11.01 19.74
N GLY A 292 13.60 9.91 19.08
CA GLY A 292 12.59 9.02 19.61
C GLY A 292 13.20 8.01 20.57
N ALA A 293 12.37 7.19 21.20
CA ALA A 293 12.87 6.22 22.15
C ALA A 293 12.30 4.81 21.98
N LEU A 294 12.56 4.20 20.84
CA LEU A 294 12.12 2.84 20.63
C LEU A 294 12.92 2.05 21.65
N GLY A 295 12.25 1.20 22.42
CA GLY A 295 12.95 0.39 23.41
C GLY A 295 12.55 -1.07 23.28
N LYS A 296 13.32 -1.96 23.89
CA LYS A 296 13.00 -3.36 23.80
C LYS A 296 12.94 -4.09 25.13
N VAL A 297 12.10 -5.12 25.19
CA VAL A 297 11.97 -5.97 26.37
C VAL A 297 11.91 -7.39 25.85
N ILE A 298 12.85 -8.22 26.29
CA ILE A 298 12.90 -9.61 25.84
C ILE A 298 12.32 -10.55 26.90
N PHE A 299 11.31 -11.32 26.53
CA PHE A 299 10.71 -12.27 27.47
C PHE A 299 11.11 -13.69 27.09
N GLU A 300 11.91 -14.31 27.95
CA GLU A 300 12.38 -15.67 27.71
C GLU A 300 11.62 -16.71 28.51
N PHE A 301 11.05 -17.68 27.80
CA PHE A 301 10.30 -18.75 28.45
C PHE A 301 11.10 -20.05 28.37
N GLU A 302 10.71 -21.01 29.19
CA GLU A 302 11.38 -22.30 29.21
C GLU A 302 11.22 -23.04 27.88
N GLU A 303 9.96 -23.23 27.46
CA GLU A 303 9.70 -23.95 26.22
C GLU A 303 8.58 -23.32 25.38
N CYS A 304 8.64 -23.53 24.07
CA CYS A 304 7.65 -23.00 23.15
C CYS A 304 6.36 -23.78 23.34
N CYS A 305 5.39 -23.22 24.04
CA CYS A 305 4.12 -23.91 24.25
C CYS A 305 2.93 -23.00 23.99
N TRP A 306 2.94 -22.37 22.82
CA TRP A 306 1.87 -21.47 22.39
C TRP A 306 1.74 -21.59 20.88
N SER A 307 0.62 -21.13 20.34
CA SER A 307 0.39 -21.20 18.90
C SER A 307 1.36 -20.34 18.13
N ASN A 308 1.98 -20.92 17.10
CA ASN A 308 2.92 -20.19 16.26
C ASN A 308 2.23 -19.83 14.94
N GLU A 309 0.99 -19.36 15.04
CA GLU A 309 0.22 -18.97 13.86
C GLU A 309 0.92 -17.81 13.17
N SER A 310 1.51 -16.93 13.98
CA SER A 310 2.20 -15.76 13.45
C SER A 310 3.39 -15.35 14.32
N SER A 311 4.31 -14.61 13.72
CA SER A 311 5.48 -14.12 14.43
C SER A 311 5.29 -12.65 14.80
N LYS A 312 4.19 -12.06 14.32
CA LYS A 312 3.88 -10.65 14.55
C LYS A 312 2.57 -10.48 15.32
N ILE A 313 2.66 -9.91 16.52
CA ILE A 313 1.52 -9.68 17.40
C ILE A 313 1.57 -8.29 18.03
N VAL A 314 0.46 -7.55 17.94
CA VAL A 314 0.37 -6.21 18.51
C VAL A 314 -0.80 -6.15 19.49
N THR A 315 -0.55 -5.68 20.70
CA THR A 315 -1.62 -5.57 21.68
C THR A 315 -2.10 -4.13 21.63
N LEU A 316 -3.39 -3.93 21.36
CA LEU A 316 -3.97 -2.61 21.27
C LEU A 316 -4.18 -2.03 22.66
N ALA A 317 -4.11 -0.71 22.79
CA ALA A 317 -4.32 -0.07 24.07
C ALA A 317 -5.83 -0.07 24.29
N ASN A 318 -6.27 0.15 25.52
CA ASN A 318 -7.70 0.17 25.78
C ASN A 318 -8.43 1.28 25.02
N SER A 319 -9.62 0.95 24.52
CA SER A 319 -10.47 1.92 23.81
C SER A 319 -11.80 1.97 24.59
N THR A 320 -12.69 2.89 24.24
CA THR A 320 -13.96 2.99 24.96
C THR A 320 -15.13 3.35 24.04
N ASN A 321 -16.32 2.82 24.35
CA ASN A 321 -17.49 3.14 23.54
C ASN A 321 -17.76 4.63 23.63
N GLU A 322 -17.42 5.23 24.76
CA GLU A 322 -17.61 6.66 24.97
C GLU A 322 -16.93 7.47 23.88
N PHE A 323 -15.71 7.07 23.51
CA PHE A 323 -14.95 7.74 22.46
C PHE A 323 -15.77 7.75 21.16
N VAL A 324 -16.35 6.61 20.79
CA VAL A 324 -17.15 6.52 19.56
C VAL A 324 -18.27 7.57 19.58
N GLU A 325 -18.97 7.63 20.71
CA GLU A 325 -20.04 8.58 20.91
C GLU A 325 -19.51 9.99 20.70
N ILE A 326 -18.35 10.30 21.29
CA ILE A 326 -17.78 11.62 21.13
C ILE A 326 -17.48 11.92 19.66
N VAL A 327 -17.14 10.88 18.90
CA VAL A 327 -16.85 11.06 17.48
C VAL A 327 -18.13 11.25 16.69
N ARG A 328 -19.17 10.49 17.04
CA ARG A 328 -20.45 10.62 16.36
C ARG A 328 -21.06 12.00 16.60
N ASN A 329 -20.91 12.53 17.81
CA ASN A 329 -21.52 13.81 18.16
C ASN A 329 -20.70 15.09 17.95
N ALA A 330 -19.39 14.97 17.76
CA ALA A 330 -18.55 16.16 17.58
C ALA A 330 -18.89 16.89 16.29
N GLU A 331 -19.21 18.17 16.40
CA GLU A 331 -19.56 18.93 15.21
C GLU A 331 -18.38 19.40 14.38
N ASN A 332 -17.17 19.17 14.87
CA ASN A 332 -15.94 19.55 14.16
C ASN A 332 -14.70 19.20 14.98
N LEU A 333 -13.51 19.41 14.40
CA LEU A 333 -12.27 19.07 15.09
C LEU A 333 -12.01 19.87 16.38
N ASP A 334 -12.39 21.14 16.40
CA ASP A 334 -12.20 21.95 17.60
C ASP A 334 -12.94 21.30 18.76
N GLU A 335 -14.24 21.10 18.56
CA GLU A 335 -15.10 20.48 19.56
C GLU A 335 -14.67 19.08 19.96
N LEU A 336 -14.10 18.34 19.02
CA LEU A 336 -13.64 16.98 19.29
C LEU A 336 -12.56 17.00 20.37
N ASP A 337 -11.60 17.91 20.26
CA ASP A 337 -10.54 18.00 21.25
C ASP A 337 -11.10 18.37 22.62
N SER A 338 -12.05 19.30 22.65
CA SER A 338 -12.68 19.72 23.90
C SER A 338 -13.32 18.49 24.54
N MET A 339 -14.34 17.96 23.88
CA MET A 339 -15.05 16.78 24.35
C MET A 339 -14.10 15.67 24.81
N LEU A 340 -12.96 15.54 24.14
CA LEU A 340 -11.99 14.50 24.50
C LEU A 340 -11.32 14.79 25.84
N GLU A 341 -10.88 16.02 26.05
CA GLU A 341 -10.26 16.38 27.31
C GLU A 341 -11.30 16.24 28.42
N ARG A 342 -12.57 16.23 28.02
CA ARG A 342 -13.73 16.10 28.92
C ARG A 342 -14.22 17.44 29.45
N THR A 349 -6.34 6.68 34.66
CA THR A 349 -5.32 7.27 35.52
C THR A 349 -4.20 6.26 35.81
N SER A 350 -2.96 6.69 35.55
CA SER A 350 -1.75 5.88 35.74
C SER A 350 -1.54 4.89 34.60
N VAL A 351 -0.28 4.75 34.18
CA VAL A 351 0.11 3.89 33.06
C VAL A 351 0.20 2.40 33.30
N THR A 352 -0.50 1.63 32.48
CA THR A 352 -0.45 0.17 32.59
C THR A 352 0.00 -0.37 31.24
N CYS A 353 0.28 -1.67 31.18
CA CYS A 353 0.71 -2.31 29.95
C CYS A 353 -0.35 -2.14 28.86
N TRP A 354 -1.53 -1.64 29.23
CA TRP A 354 -2.62 -1.44 28.27
C TRP A 354 -2.82 0.04 27.95
N SER A 355 -1.93 0.91 28.43
CA SER A 355 -2.07 2.33 28.17
C SER A 355 -1.54 2.74 26.79
N GLN A 356 -0.86 1.82 26.11
CA GLN A 356 -0.30 2.09 24.80
C GLN A 356 -0.11 0.78 24.05
N PRO A 357 -0.03 0.83 22.71
CA PRO A 357 0.18 -0.42 21.96
C PRO A 357 1.58 -0.95 22.26
N LEU A 358 1.73 -2.26 22.17
CA LEU A 358 3.01 -2.89 22.40
C LEU A 358 3.16 -3.85 21.23
N PHE A 359 4.38 -3.99 20.73
CA PHE A 359 4.61 -4.86 19.57
C PHE A 359 5.47 -6.05 19.95
N PHE A 360 4.90 -7.25 19.82
CA PHE A 360 5.62 -8.48 20.16
C PHE A 360 6.02 -9.31 18.96
N VAL A 361 7.27 -9.75 18.97
CA VAL A 361 7.77 -10.61 17.90
C VAL A 361 7.84 -12.02 18.50
N ASN A 362 7.00 -12.93 18.01
CA ASN A 362 6.99 -14.31 18.48
C ASN A 362 8.17 -15.02 17.83
N LEU A 363 9.32 -15.01 18.49
CA LEU A 363 10.53 -15.61 17.95
C LEU A 363 10.48 -17.13 17.75
N SER A 364 9.53 -17.78 18.41
CA SER A 364 9.39 -19.21 18.28
C SER A 364 9.18 -19.59 16.81
N LYS A 365 8.23 -18.94 16.15
CA LYS A 365 7.96 -19.24 14.75
C LYS A 365 9.11 -18.85 13.82
N SER A 366 9.60 -17.62 13.99
CA SER A 366 10.67 -17.11 13.15
C SER A 366 12.05 -17.72 13.33
N THR A 367 12.45 -17.94 14.59
CA THR A 367 13.78 -18.47 14.85
C THR A 367 13.83 -19.77 15.66
N GLY A 368 12.67 -20.22 16.13
CA GLY A 368 12.64 -21.44 16.92
C GLY A 368 13.05 -21.26 18.37
N VAL A 369 13.13 -20.02 18.83
CA VAL A 369 13.50 -19.75 20.22
C VAL A 369 12.25 -19.36 21.02
N ALA A 370 12.08 -19.98 22.17
CA ALA A 370 10.92 -19.73 23.03
C ALA A 370 10.98 -18.38 23.72
N SER A 371 11.12 -17.32 22.93
CA SER A 371 11.21 -15.98 23.49
C SER A 371 10.38 -14.96 22.72
N PHE A 372 9.97 -13.90 23.41
CA PHE A 372 9.23 -12.81 22.79
C PHE A 372 10.10 -11.57 22.81
N MET A 373 10.21 -10.90 21.67
CA MET A 373 10.98 -9.66 21.58
C MET A 373 9.89 -8.60 21.49
N MET A 374 9.77 -7.76 22.52
CA MET A 374 8.75 -6.72 22.56
C MET A 374 9.33 -5.31 22.37
N LEU A 375 8.65 -4.50 21.57
CA LEU A 375 9.06 -3.13 21.31
C LEU A 375 8.12 -2.16 22.03
N MET A 376 8.70 -1.09 22.54
CA MET A 376 7.96 -0.07 23.26
C MET A 376 8.36 1.30 22.74
N GLN A 377 7.58 2.33 23.08
CA GLN A 377 7.85 3.68 22.60
C GLN A 377 7.89 4.69 23.74
N ALA A 378 8.26 5.93 23.40
CA ALA A 378 8.31 6.99 24.39
C ALA A 378 6.85 7.41 24.62
N PRO A 379 6.47 7.77 25.85
CA PRO A 379 7.26 7.84 27.09
C PRO A 379 7.43 6.53 27.86
N LEU A 380 6.70 5.48 27.48
CA LEU A 380 6.81 4.22 28.20
C LEU A 380 8.24 3.70 28.29
N THR A 381 8.96 3.75 27.17
CA THR A 381 10.31 3.24 27.15
C THR A 381 11.20 3.82 28.23
N ASN A 382 11.13 5.12 28.45
CA ASN A 382 11.94 5.77 29.46
C ASN A 382 11.61 5.25 30.86
N HIS A 383 10.32 5.14 31.19
CA HIS A 383 9.90 4.63 32.49
C HIS A 383 10.28 3.16 32.68
N ILE A 384 10.07 2.36 31.65
CA ILE A 384 10.40 0.95 31.76
C ILE A 384 11.92 0.74 31.86
N GLU A 385 12.69 1.45 31.04
CA GLU A 385 14.13 1.31 31.09
C GLU A 385 14.65 1.81 32.45
N SER A 386 13.90 2.69 33.09
CA SER A 386 14.36 3.22 34.39
C SER A 386 14.26 2.19 35.51
N ILE A 387 13.34 1.24 35.38
CA ILE A 387 13.15 0.20 36.39
C ILE A 387 13.53 -1.16 35.85
N ARG A 388 14.47 -1.18 34.91
CA ARG A 388 14.93 -2.41 34.27
C ARG A 388 15.63 -3.41 35.18
N GLU A 389 15.92 -3.00 36.41
CA GLU A 389 16.58 -3.89 37.36
C GLU A 389 15.58 -4.60 38.25
N ASP A 390 14.42 -3.98 38.42
CA ASP A 390 13.37 -4.56 39.25
C ASP A 390 12.60 -5.57 38.40
N LYS A 391 13.15 -6.78 38.29
CA LYS A 391 12.51 -7.82 37.50
C LYS A 391 11.11 -8.18 37.97
N GLU A 392 10.88 -8.10 39.28
CA GLU A 392 9.55 -8.43 39.81
C GLU A 392 8.54 -7.42 39.30
N ARG A 393 8.93 -6.15 39.31
CA ARG A 393 8.06 -5.09 38.85
C ARG A 393 7.79 -5.18 37.34
N LEU A 394 8.79 -5.63 36.59
CA LEU A 394 8.64 -5.77 35.15
C LEU A 394 7.60 -6.85 34.83
N PHE A 395 7.74 -7.99 35.49
CA PHE A 395 6.81 -9.09 35.29
C PHE A 395 5.41 -8.64 35.64
N SER A 396 5.30 -7.97 36.79
CA SER A 396 4.02 -7.49 37.24
C SER A 396 3.40 -6.53 36.21
N PHE A 397 4.24 -5.70 35.60
CA PHE A 397 3.74 -4.75 34.61
C PHE A 397 3.27 -5.40 33.32
N PHE A 398 4.06 -6.34 32.79
CA PHE A 398 3.73 -7.01 31.54
C PHE A 398 2.96 -8.33 31.65
N GLN A 399 2.56 -8.69 32.87
CA GLN A 399 1.83 -9.93 33.09
C GLN A 399 0.48 -9.95 32.38
N PRO A 400 -0.34 -8.90 32.58
CA PRO A 400 -1.65 -8.88 31.92
C PRO A 400 -1.57 -9.15 30.40
N VAL A 401 -0.75 -8.39 29.68
CA VAL A 401 -0.65 -8.61 28.24
C VAL A 401 -0.01 -9.95 27.88
N LEU A 402 1.00 -10.38 28.63
CA LEU A 402 1.65 -11.66 28.35
C LEU A 402 0.57 -12.76 28.43
N ASN A 403 -0.29 -12.65 29.43
CA ASN A 403 -1.36 -13.63 29.59
C ASN A 403 -2.34 -13.56 28.43
N LYS A 404 -2.91 -12.38 28.18
CA LYS A 404 -3.85 -12.19 27.09
C LYS A 404 -3.33 -12.80 25.79
N ILE A 405 -2.03 -12.65 25.53
CA ILE A 405 -1.44 -13.20 24.33
C ILE A 405 -1.47 -14.73 24.37
N MET A 406 -1.04 -15.30 25.49
CA MET A 406 -1.03 -16.75 25.64
C MET A 406 -2.45 -17.28 25.49
N LYS A 407 -3.42 -16.51 25.97
CA LYS A 407 -4.84 -16.88 25.89
C LYS A 407 -5.25 -16.93 24.42
N CYS A 408 -4.86 -15.92 23.64
CA CYS A 408 -5.21 -15.89 22.22
C CYS A 408 -4.39 -16.87 21.40
N LEU A 409 -3.29 -17.36 21.97
CA LEU A 409 -2.44 -18.32 21.28
C LEU A 409 -2.60 -19.74 21.80
N ASP A 410 -3.73 -20.01 22.45
CA ASP A 410 -4.03 -21.35 22.98
C ASP A 410 -3.04 -21.86 24.01
N SER A 411 -2.89 -21.13 25.10
CA SER A 411 -2.00 -21.51 26.18
C SER A 411 -2.64 -20.96 27.44
N GLU A 412 -1.94 -21.03 28.55
CA GLU A 412 -2.50 -20.53 29.80
C GLU A 412 -1.68 -19.37 30.32
N ASP A 413 -2.09 -18.85 31.48
CA ASP A 413 -1.40 -17.74 32.11
C ASP A 413 0.06 -18.08 32.34
N VAL A 414 0.89 -17.04 32.31
CA VAL A 414 2.32 -17.20 32.49
C VAL A 414 2.71 -17.47 33.94
N ILE A 415 3.73 -18.28 34.13
CA ILE A 415 4.24 -18.61 35.47
C ILE A 415 5.59 -17.93 35.67
N ASP A 416 5.77 -17.30 36.82
CA ASP A 416 7.02 -16.61 37.14
C ASP A 416 8.13 -17.55 37.58
N GLY A 417 8.98 -17.96 36.64
CA GLY A 417 10.07 -18.85 36.97
C GLY A 417 11.43 -18.21 36.80
N MET A 418 11.57 -16.95 37.21
CA MET A 418 12.82 -16.21 37.06
C MET A 418 13.88 -16.43 38.15
N ARG A 419 13.53 -17.13 39.22
CA ARG A 419 14.51 -17.38 40.27
C ARG A 419 14.73 -18.86 40.55
N PRO A 420 15.45 -19.55 39.65
CA PRO A 420 15.71 -20.99 39.84
C PRO A 420 16.47 -21.27 41.14
N ALA A 427 4.69 -27.76 31.89
CA ALA A 427 4.65 -28.51 30.65
C ALA A 427 3.80 -27.79 29.62
N ASN A 428 2.53 -27.59 29.93
CA ASN A 428 1.61 -26.90 29.03
C ASN A 428 1.57 -25.41 29.37
N LYS A 429 1.94 -25.08 30.60
CA LYS A 429 1.95 -23.69 31.04
C LYS A 429 3.27 -23.01 30.71
N PRO A 430 3.21 -21.78 30.15
CA PRO A 430 4.42 -21.05 29.80
C PRO A 430 5.12 -20.51 31.05
N VAL A 431 6.40 -20.81 31.20
CA VAL A 431 7.15 -20.32 32.36
C VAL A 431 8.25 -19.33 31.95
N LEU A 432 8.13 -18.12 32.47
CA LEU A 432 9.07 -17.05 32.20
C LEU A 432 10.37 -17.26 32.98
N ARG A 433 11.48 -17.36 32.25
CA ARG A 433 12.76 -17.55 32.90
C ARG A 433 13.56 -16.28 33.13
N ASN A 434 13.64 -15.45 32.10
CA ASN A 434 14.43 -14.23 32.19
C ASN A 434 13.78 -13.03 31.48
N ILE A 435 14.19 -11.83 31.87
CA ILE A 435 13.68 -10.62 31.24
C ILE A 435 14.87 -9.70 30.98
N ILE A 436 15.06 -9.34 29.71
CA ILE A 436 16.13 -8.43 29.31
C ILE A 436 15.49 -7.14 28.84
N VAL A 437 16.04 -6.00 29.26
CA VAL A 437 15.50 -4.70 28.88
C VAL A 437 16.57 -3.85 28.23
N SER A 438 16.18 -3.01 27.28
CA SER A 438 17.13 -2.15 26.62
C SER A 438 17.53 -1.04 27.62
N ASN A 439 18.53 -0.24 27.26
CA ASN A 439 18.98 0.83 28.14
C ASN A 439 19.46 2.05 27.34
N TRP A 440 18.99 2.16 26.10
CA TRP A 440 19.41 3.26 25.23
C TRP A 440 19.13 4.67 25.70
N THR A 441 18.07 4.89 26.48
CA THR A 441 17.78 6.24 26.95
C THR A 441 18.69 6.71 28.07
N ARG A 442 19.21 5.76 28.86
CA ARG A 442 20.07 6.10 29.99
C ARG A 442 21.56 6.00 29.70
N ASP A 443 21.91 5.33 28.59
CA ASP A 443 23.30 5.19 28.19
C ASP A 443 23.73 6.55 27.64
N PRO A 444 24.74 7.18 28.26
CA PRO A 444 25.22 8.50 27.81
C PRO A 444 25.73 8.57 26.38
N TYR A 445 26.09 7.41 25.82
CA TYR A 445 26.59 7.40 24.47
C TYR A 445 25.54 7.08 23.38
N SER A 446 24.27 7.05 23.76
CA SER A 446 23.18 6.84 22.80
C SER A 446 22.09 7.88 23.09
N ARG A 447 21.69 8.00 24.35
CA ARG A 447 20.67 8.96 24.79
C ARG A 447 19.40 8.89 23.94
N GLY A 448 18.80 7.70 23.87
CA GLY A 448 17.61 7.50 23.07
C GLY A 448 17.87 6.48 21.97
N ALA A 449 16.89 6.25 21.12
CA ALA A 449 17.03 5.27 20.04
C ALA A 449 17.57 5.82 18.71
N TYR A 450 16.87 6.80 18.13
CA TYR A 450 17.29 7.40 16.86
C TYR A 450 16.46 8.64 16.53
N SER A 451 16.85 9.33 15.46
CA SER A 451 16.17 10.55 15.07
C SER A 451 14.70 10.35 14.69
N ALA A 452 13.85 11.23 15.20
CA ALA A 452 12.42 11.16 14.95
C ALA A 452 11.84 12.56 14.91
N CYS A 453 10.65 12.71 14.34
CA CYS A 453 10.06 14.03 14.20
C CYS A 453 8.85 14.35 15.06
N PHE A 454 8.94 15.47 15.76
CA PHE A 454 7.82 15.96 16.56
C PHE A 454 7.10 16.80 15.52
N PRO A 455 5.84 17.16 15.75
CA PRO A 455 5.18 17.98 14.72
C PRO A 455 5.87 19.33 14.50
N GLY A 456 6.01 19.71 13.24
CA GLY A 456 6.67 20.97 12.89
C GLY A 456 8.11 20.72 12.45
N ASP A 457 8.60 19.53 12.77
CA ASP A 457 9.96 19.12 12.43
C ASP A 457 10.19 18.85 10.94
N ASP A 458 11.34 19.26 10.46
CA ASP A 458 11.71 18.99 9.07
C ASP A 458 13.09 18.34 9.11
N PRO A 459 13.12 17.00 8.97
CA PRO A 459 14.36 16.23 9.00
C PRO A 459 15.40 16.62 7.96
N VAL A 460 14.97 17.30 6.90
CA VAL A 460 15.90 17.69 5.87
C VAL A 460 16.94 18.73 6.33
N ASP A 461 16.58 19.63 7.25
CA ASP A 461 17.54 20.63 7.73
C ASP A 461 18.82 20.00 8.28
N MET A 462 18.64 18.98 9.12
CA MET A 462 19.76 18.27 9.74
C MET A 462 20.56 17.53 8.69
N VAL A 463 19.88 16.78 7.82
CA VAL A 463 20.56 16.01 6.79
C VAL A 463 21.47 16.89 5.95
N VAL A 464 20.99 18.08 5.60
CA VAL A 464 21.75 19.02 4.79
C VAL A 464 22.96 19.54 5.56
N ALA A 465 22.72 20.06 6.75
CA ALA A 465 23.77 20.60 7.60
C ALA A 465 24.87 19.56 7.92
N MET A 466 24.46 18.33 8.21
CA MET A 466 25.40 17.25 8.54
C MET A 466 26.25 16.85 7.33
N SER A 467 25.61 16.53 6.21
CA SER A 467 26.32 16.10 5.01
C SER A 467 27.18 17.19 4.36
N ASN A 468 26.94 18.45 4.68
CA ASN A 468 27.75 19.53 4.13
C ASN A 468 28.93 19.82 5.08
N GLY A 469 28.95 19.11 6.20
CA GLY A 469 30.00 19.23 7.19
C GLY A 469 30.22 20.56 7.90
N GLN A 470 30.97 20.51 9.00
CA GLN A 470 31.30 21.70 9.78
C GLN A 470 32.22 22.56 8.90
N ASP A 471 33.05 21.89 8.12
CA ASP A 471 33.96 22.52 7.16
C ASP A 471 34.59 21.38 6.34
N SER A 472 35.53 21.72 5.47
CA SER A 472 36.16 20.72 4.63
C SER A 472 36.82 19.54 5.36
N ARG A 473 37.28 19.77 6.59
CA ARG A 473 37.94 18.69 7.32
C ARG A 473 37.09 18.00 8.39
N ILE A 474 36.11 18.72 8.92
CA ILE A 474 35.24 18.20 9.97
C ILE A 474 33.90 17.75 9.40
N ARG A 475 33.79 16.42 9.20
CA ARG A 475 32.62 15.80 8.62
C ARG A 475 31.74 15.01 9.60
N PHE A 476 30.57 14.59 9.12
CA PHE A 476 29.63 13.82 9.94
C PHE A 476 29.05 12.65 9.15
N ALA A 477 28.74 11.59 9.90
CA ALA A 477 28.13 10.39 9.35
C ALA A 477 27.24 9.86 10.49
N GLY A 478 26.33 8.95 10.16
CA GLY A 478 25.43 8.42 11.17
C GLY A 478 24.01 8.39 10.60
N GLU A 479 23.11 7.62 11.22
CA GLU A 479 21.75 7.47 10.73
C GLU A 479 20.99 8.78 10.53
N HIS A 480 21.42 9.83 11.22
CA HIS A 480 20.77 11.13 11.16
C HIS A 480 21.38 12.08 10.13
N THR A 481 22.31 11.59 9.32
CA THR A 481 22.97 12.45 8.35
C THR A 481 22.65 12.12 6.90
N ILE A 482 21.54 11.41 6.66
CA ILE A 482 21.23 11.01 5.30
C ILE A 482 19.75 10.74 5.07
N MET A 483 19.29 10.99 3.85
CA MET A 483 17.89 10.79 3.48
C MET A 483 17.51 9.32 3.30
N ASP A 484 18.12 8.64 2.33
CA ASP A 484 17.80 7.24 2.12
C ASP A 484 18.24 6.39 3.31
N GLY A 485 17.28 5.77 3.98
CA GLY A 485 17.60 4.96 5.13
C GLY A 485 17.86 5.81 6.37
N ALA A 486 17.32 7.01 6.38
CA ALA A 486 17.48 7.88 7.55
C ALA A 486 16.94 7.07 8.73
N GLY A 487 17.60 7.16 9.89
CA GLY A 487 17.15 6.42 11.04
C GLY A 487 17.50 4.94 11.02
N CYS A 488 17.78 4.39 9.84
CA CYS A 488 18.10 2.96 9.71
C CYS A 488 19.59 2.61 9.71
N ALA A 489 19.87 1.36 10.05
CA ALA A 489 21.25 0.88 10.09
C ALA A 489 21.93 1.03 8.73
N TYR A 490 21.25 0.70 7.64
CA TYR A 490 21.86 0.80 6.34
C TYR A 490 22.08 2.24 5.94
N GLY A 491 21.26 3.15 6.45
CA GLY A 491 21.44 4.55 6.14
C GLY A 491 22.74 4.99 6.80
N ALA A 492 22.88 4.64 8.08
CA ALA A 492 24.08 4.98 8.83
C ALA A 492 25.27 4.41 8.07
N TRP A 493 25.14 3.18 7.60
CA TRP A 493 26.17 2.49 6.85
C TRP A 493 26.57 3.29 5.62
N GLU A 494 25.59 3.64 4.79
CA GLU A 494 25.83 4.41 3.58
C GLU A 494 26.52 5.75 3.88
N SER A 495 26.14 6.40 4.98
CA SER A 495 26.74 7.69 5.30
C SER A 495 28.22 7.49 5.65
N GLY A 496 28.55 6.34 6.18
CA GLY A 496 29.93 6.06 6.51
C GLY A 496 30.73 5.97 5.22
N ARG A 497 30.18 5.26 4.25
CA ARG A 497 30.82 5.08 2.95
C ARG A 497 30.94 6.41 2.25
N ARG A 498 29.85 7.19 2.29
CA ARG A 498 29.84 8.50 1.66
C ARG A 498 31.04 9.34 2.09
N GLU A 499 31.13 9.61 3.39
CA GLU A 499 32.21 10.45 3.91
C GLU A 499 33.62 9.92 3.69
N ALA A 500 33.79 8.60 3.76
CA ALA A 500 35.10 7.99 3.56
C ALA A 500 35.53 8.13 2.11
N THR A 501 34.58 7.94 1.20
CA THR A 501 34.85 8.05 -0.23
C THR A 501 35.29 9.47 -0.62
N ARG A 502 34.54 10.47 -0.17
CA ARG A 502 34.89 11.84 -0.50
C ARG A 502 36.30 12.13 -0.02
N ILE A 503 36.63 11.62 1.17
CA ILE A 503 37.95 11.84 1.75
C ILE A 503 39.07 11.07 1.06
N SER A 504 38.83 9.81 0.71
CA SER A 504 39.87 9.03 0.05
C SER A 504 40.15 9.66 -1.31
N ASP A 505 39.13 10.29 -1.91
CA ASP A 505 39.33 10.95 -3.19
C ASP A 505 40.19 12.19 -3.01
N LEU A 506 39.94 12.93 -1.93
CA LEU A 506 40.71 14.13 -1.63
C LEU A 506 42.15 13.79 -1.29
N LEU A 507 42.36 12.70 -0.56
CA LEU A 507 43.70 12.27 -0.20
C LEU A 507 44.43 11.77 -1.45
N LYS A 508 43.66 11.22 -2.40
CA LYS A 508 44.23 10.71 -3.65
C LYS A 508 44.93 11.81 -4.43
N LEU A 509 44.52 13.06 -4.18
CA LEU A 509 45.11 14.20 -4.86
C LEU A 509 46.23 14.81 -4.00
N LYS B 9 -30.67 23.34 -33.02
CA LYS B 9 -30.50 23.05 -31.57
C LYS B 9 -29.22 23.65 -30.98
N LYS B 10 -29.31 24.10 -29.73
CA LYS B 10 -28.19 24.72 -29.03
C LYS B 10 -27.02 23.73 -28.95
N VAL B 11 -27.25 22.64 -28.23
CA VAL B 11 -26.25 21.60 -28.06
C VAL B 11 -26.85 20.21 -28.28
N ILE B 12 -26.12 19.36 -28.98
CA ILE B 12 -26.57 18.01 -29.21
C ILE B 12 -25.64 17.02 -28.51
N ILE B 13 -26.21 16.25 -27.59
CA ILE B 13 -25.47 15.25 -26.82
C ILE B 13 -25.69 13.87 -27.45
N ILE B 14 -24.62 13.29 -27.98
CA ILE B 14 -24.66 11.97 -28.61
C ILE B 14 -24.30 10.89 -27.59
N GLY B 15 -25.30 10.13 -27.16
CA GLY B 15 -25.06 9.08 -26.19
C GLY B 15 -25.71 9.35 -24.85
N ALA B 16 -26.58 8.43 -24.41
CA ALA B 16 -27.25 8.60 -23.14
C ALA B 16 -26.58 7.79 -22.01
N GLY B 17 -25.26 7.65 -22.11
CA GLY B 17 -24.51 6.98 -21.06
C GLY B 17 -24.44 7.96 -19.91
N ILE B 18 -23.71 7.66 -18.83
CA ILE B 18 -23.67 8.61 -17.74
C ILE B 18 -23.00 9.93 -18.16
N ALA B 19 -22.04 9.86 -19.07
CA ALA B 19 -21.39 11.10 -19.51
C ALA B 19 -22.46 11.98 -20.16
N GLY B 20 -23.15 11.43 -21.14
CA GLY B 20 -24.20 12.17 -21.83
C GLY B 20 -25.30 12.68 -20.92
N LEU B 21 -25.78 11.84 -20.02
CA LEU B 21 -26.84 12.24 -19.10
C LEU B 21 -26.43 13.36 -18.14
N LYS B 22 -25.15 13.39 -17.76
CA LYS B 22 -24.69 14.42 -16.84
C LYS B 22 -24.60 15.71 -17.63
N ALA B 23 -24.04 15.64 -18.83
CA ALA B 23 -23.92 16.82 -19.68
C ALA B 23 -25.28 17.49 -19.84
N ALA B 24 -26.32 16.69 -20.07
CA ALA B 24 -27.66 17.24 -20.24
C ALA B 24 -28.14 17.85 -18.92
N SER B 25 -27.91 17.13 -17.83
CA SER B 25 -28.32 17.60 -16.51
C SER B 25 -27.71 18.98 -16.22
N THR B 26 -26.43 19.11 -16.56
CA THR B 26 -25.69 20.36 -16.36
C THR B 26 -26.23 21.47 -17.28
N LEU B 27 -26.20 21.22 -18.59
CA LEU B 27 -26.69 22.21 -19.56
C LEU B 27 -28.02 22.77 -19.10
N HIS B 28 -28.88 21.90 -18.58
CA HIS B 28 -30.19 22.36 -18.10
C HIS B 28 -30.03 23.13 -16.80
N GLN B 29 -29.17 22.64 -15.92
CA GLN B 29 -28.94 23.31 -14.64
C GLN B 29 -28.45 24.72 -14.92
N ASN B 30 -27.88 24.92 -16.11
CA ASN B 30 -27.37 26.23 -16.52
C ASN B 30 -28.33 26.98 -17.43
N GLY B 31 -29.63 26.80 -17.19
CA GLY B 31 -30.63 27.50 -17.98
C GLY B 31 -30.66 27.23 -19.47
N ILE B 32 -29.64 26.58 -20.02
CA ILE B 32 -29.64 26.28 -21.45
C ILE B 32 -30.88 25.46 -21.78
N GLN B 33 -31.49 25.76 -22.92
CA GLN B 33 -32.68 25.06 -23.37
C GLN B 33 -32.48 24.56 -24.79
N ASP B 34 -33.51 23.92 -25.33
CA ASP B 34 -33.45 23.41 -26.70
C ASP B 34 -32.18 22.59 -26.96
N CYS B 35 -32.06 21.47 -26.25
CA CYS B 35 -30.92 20.57 -26.40
C CYS B 35 -31.46 19.17 -26.69
N LEU B 36 -30.61 18.30 -27.25
CA LEU B 36 -31.04 16.95 -27.57
C LEU B 36 -29.99 15.91 -27.22
N VAL B 37 -30.46 14.76 -26.77
CA VAL B 37 -29.60 13.63 -26.43
C VAL B 37 -30.00 12.48 -27.35
N LEU B 38 -29.11 12.16 -28.29
CA LEU B 38 -29.36 11.10 -29.27
C LEU B 38 -28.69 9.77 -28.85
N GLU B 39 -29.49 8.85 -28.33
CA GLU B 39 -29.02 7.53 -27.89
C GLU B 39 -29.40 6.42 -28.90
N ALA B 40 -28.40 5.64 -29.32
CA ALA B 40 -28.63 4.56 -30.28
C ALA B 40 -29.48 3.40 -29.73
N ARG B 41 -29.35 3.11 -28.44
CA ARG B 41 -30.11 2.01 -27.84
C ARG B 41 -31.51 2.44 -27.44
N ASP B 42 -32.34 1.50 -27.03
CA ASP B 42 -33.72 1.82 -26.63
C ASP B 42 -33.84 2.10 -25.15
N ARG B 43 -32.72 2.43 -24.53
CA ARG B 43 -32.67 2.71 -23.10
C ARG B 43 -31.49 3.65 -22.84
N VAL B 44 -31.52 4.33 -21.70
CA VAL B 44 -30.42 5.21 -21.31
C VAL B 44 -29.58 4.39 -20.34
N GLY B 45 -28.39 4.90 -20.00
CA GLY B 45 -27.52 4.21 -19.07
C GLY B 45 -26.22 3.72 -19.66
N GLY B 46 -26.22 3.41 -20.96
CA GLY B 46 -25.02 2.91 -21.59
C GLY B 46 -24.45 1.72 -20.83
N ARG B 47 -23.15 1.77 -20.54
CA ARG B 47 -22.50 0.69 -19.82
C ARG B 47 -22.91 0.61 -18.35
N LEU B 48 -24.01 1.28 -18.01
CA LEU B 48 -24.58 1.22 -16.67
C LEU B 48 -25.97 0.62 -16.92
N GLN B 49 -26.14 -0.66 -16.62
CA GLN B 49 -27.41 -1.34 -16.81
C GLN B 49 -27.66 -2.34 -15.71
N THR B 50 -28.82 -2.21 -15.07
CA THR B 50 -29.24 -3.10 -13.99
C THR B 50 -30.31 -4.04 -14.58
N VAL B 51 -30.06 -5.34 -14.57
CA VAL B 51 -31.03 -6.29 -15.11
C VAL B 51 -31.78 -6.96 -13.97
N THR B 52 -32.90 -7.60 -14.29
CA THR B 52 -33.69 -8.28 -13.27
C THR B 52 -33.71 -9.78 -13.53
N GLY B 53 -33.48 -10.55 -12.48
CA GLY B 53 -33.46 -12.00 -12.62
C GLY B 53 -34.45 -12.76 -11.76
N TYR B 54 -34.00 -13.91 -11.28
CA TYR B 54 -34.78 -14.81 -10.44
C TYR B 54 -35.37 -14.15 -9.20
N GLN B 55 -36.68 -14.33 -9.01
CA GLN B 55 -37.38 -13.76 -7.84
C GLN B 55 -37.32 -12.24 -7.79
N GLY B 56 -36.96 -11.62 -8.91
CA GLY B 56 -36.90 -10.17 -8.95
C GLY B 56 -35.60 -9.55 -8.44
N ARG B 57 -34.59 -10.38 -8.17
CA ARG B 57 -33.32 -9.87 -7.70
C ARG B 57 -32.76 -8.96 -8.79
N LYS B 58 -31.99 -7.96 -8.42
CA LYS B 58 -31.43 -7.03 -9.38
C LYS B 58 -29.90 -7.01 -9.32
N TYR B 59 -29.27 -6.92 -10.49
CA TYR B 59 -27.80 -6.88 -10.55
C TYR B 59 -27.32 -5.89 -11.59
N ASP B 60 -26.18 -5.28 -11.32
CA ASP B 60 -25.63 -4.37 -12.31
C ASP B 60 -24.77 -5.24 -13.21
N ILE B 61 -25.18 -5.36 -14.47
CA ILE B 61 -24.45 -6.17 -15.43
C ILE B 61 -23.32 -5.33 -16.02
N GLY B 62 -23.40 -4.02 -15.76
CA GLY B 62 -22.38 -3.11 -16.21
C GLY B 62 -21.57 -2.75 -14.96
N ALA B 63 -21.34 -1.46 -14.74
CA ALA B 63 -20.59 -1.01 -13.59
C ALA B 63 -21.37 -1.28 -12.31
N SER B 64 -20.68 -1.69 -11.25
CA SER B 64 -21.36 -1.98 -9.98
C SER B 64 -20.77 -1.25 -8.76
N TRP B 65 -19.56 -0.72 -8.86
CA TRP B 65 -18.95 -0.01 -7.73
C TRP B 65 -18.65 1.46 -7.95
N HIS B 66 -18.52 2.17 -6.82
CA HIS B 66 -18.11 3.56 -6.80
C HIS B 66 -16.66 3.35 -6.37
N HIS B 67 -15.70 3.71 -7.20
CA HIS B 67 -14.30 3.54 -6.80
C HIS B 67 -13.80 4.85 -6.20
N ASP B 68 -12.63 4.78 -5.56
CA ASP B 68 -11.99 5.95 -4.96
C ASP B 68 -12.97 6.80 -4.19
N THR B 69 -13.65 6.22 -3.21
CA THR B 69 -14.65 6.95 -2.47
C THR B 69 -14.15 8.13 -1.65
N LEU B 70 -12.83 8.25 -1.50
CA LEU B 70 -12.28 9.36 -0.74
C LEU B 70 -12.43 10.66 -1.54
N THR B 71 -12.26 10.56 -2.85
CA THR B 71 -12.34 11.73 -3.73
C THR B 71 -13.44 11.70 -4.80
N ASN B 72 -13.97 10.52 -5.09
CA ASN B 72 -15.02 10.36 -6.11
C ASN B 72 -16.17 11.32 -5.83
N PRO B 73 -16.34 12.34 -6.69
CA PRO B 73 -17.41 13.32 -6.50
C PRO B 73 -18.83 12.78 -6.71
N LEU B 74 -19.00 11.89 -7.69
CA LEU B 74 -20.31 11.29 -7.94
C LEU B 74 -20.70 10.55 -6.67
N PHE B 75 -19.77 9.78 -6.11
CA PHE B 75 -20.04 9.04 -4.88
C PHE B 75 -20.42 9.96 -3.73
N LEU B 76 -19.70 11.07 -3.61
CA LEU B 76 -19.95 12.03 -2.54
C LEU B 76 -21.33 12.67 -2.65
N GLU B 77 -21.75 12.94 -3.87
CA GLU B 77 -23.07 13.51 -4.11
C GLU B 77 -24.11 12.45 -3.67
N GLU B 78 -23.83 11.18 -3.96
CA GLU B 78 -24.73 10.10 -3.56
C GLU B 78 -24.75 9.93 -2.04
N ALA B 79 -23.60 10.11 -1.41
CA ALA B 79 -23.53 9.96 0.03
C ALA B 79 -24.32 11.06 0.74
N GLN B 80 -24.28 12.27 0.19
CA GLN B 80 -25.02 13.39 0.78
C GLN B 80 -26.52 13.11 0.73
N LEU B 81 -26.99 12.67 -0.44
CA LEU B 81 -28.40 12.34 -0.61
C LEU B 81 -28.85 11.34 0.43
N SER B 82 -27.98 10.37 0.74
CA SER B 82 -28.31 9.34 1.73
C SER B 82 -28.22 9.84 3.16
N LEU B 83 -27.40 10.85 3.39
CA LEU B 83 -27.24 11.42 4.73
C LEU B 83 -28.50 12.21 5.00
N ASN B 84 -29.11 12.71 3.93
CA ASN B 84 -30.32 13.51 4.03
C ASN B 84 -31.63 12.73 4.10
N ASP B 85 -31.82 11.75 3.20
CA ASP B 85 -33.08 10.98 3.25
C ASP B 85 -32.98 9.59 3.86
N GLY B 86 -31.77 9.16 4.22
CA GLY B 86 -31.62 7.85 4.83
C GLY B 86 -31.80 6.64 3.95
N ARG B 87 -32.01 6.83 2.65
CA ARG B 87 -32.16 5.69 1.73
C ARG B 87 -30.80 5.07 1.47
N THR B 88 -30.74 3.74 1.49
CA THR B 88 -29.51 3.04 1.21
C THR B 88 -29.31 3.11 -0.29
N ARG B 89 -28.15 3.58 -0.72
CA ARG B 89 -27.86 3.69 -2.13
C ARG B 89 -26.62 2.87 -2.47
N PHE B 90 -25.91 2.46 -1.44
CA PHE B 90 -24.68 1.71 -1.61
C PHE B 90 -24.25 1.07 -0.30
N VAL B 91 -23.30 0.16 -0.40
CA VAL B 91 -22.76 -0.50 0.78
C VAL B 91 -21.26 -0.70 0.56
N PHE B 92 -20.48 -0.51 1.61
CA PHE B 92 -19.05 -0.68 1.53
C PHE B 92 -18.80 -2.17 1.64
N ASP B 93 -18.41 -2.79 0.54
CA ASP B 93 -18.21 -4.24 0.54
C ASP B 93 -16.78 -4.76 0.40
N ASP B 94 -15.77 -3.93 0.64
CA ASP B 94 -14.41 -4.45 0.55
C ASP B 94 -14.32 -5.51 1.63
N ASP B 95 -13.54 -6.54 1.41
CA ASP B 95 -13.45 -7.61 2.39
C ASP B 95 -12.07 -8.25 2.26
N ASN B 96 -11.77 -9.21 3.13
CA ASN B 96 -10.51 -9.92 3.05
C ASN B 96 -10.71 -10.94 1.95
N PHE B 97 -9.82 -10.92 0.96
CA PHE B 97 -9.96 -11.84 -0.14
C PHE B 97 -9.66 -13.29 0.20
N ILE B 98 -10.48 -14.18 -0.32
CA ILE B 98 -10.30 -15.61 -0.13
C ILE B 98 -9.73 -16.10 -1.47
N TYR B 99 -8.59 -16.79 -1.44
CA TYR B 99 -7.98 -17.29 -2.68
C TYR B 99 -8.06 -18.79 -2.73
N ILE B 100 -8.63 -19.31 -3.81
CA ILE B 100 -8.83 -20.75 -3.97
C ILE B 100 -8.09 -21.42 -5.12
N ASP B 101 -7.34 -22.46 -4.78
CA ASP B 101 -6.63 -23.24 -5.79
C ASP B 101 -7.32 -24.61 -5.92
N GLU B 102 -7.46 -25.08 -7.14
CA GLU B 102 -8.13 -26.36 -7.38
C GLU B 102 -7.60 -27.52 -6.54
N GLU B 103 -6.29 -27.75 -6.58
CA GLU B 103 -5.69 -28.84 -5.82
C GLU B 103 -5.52 -28.51 -4.33
N ARG B 104 -4.88 -27.38 -4.06
CA ARG B 104 -4.61 -26.97 -2.69
C ARG B 104 -5.75 -26.43 -1.84
N GLY B 105 -6.76 -25.84 -2.47
CA GLY B 105 -7.85 -25.27 -1.71
C GLY B 105 -7.55 -23.81 -1.37
N ARG B 106 -7.87 -23.40 -0.15
CA ARG B 106 -7.61 -22.02 0.26
C ARG B 106 -6.13 -21.77 0.52
N VAL B 107 -5.61 -20.71 -0.11
CA VAL B 107 -4.21 -20.29 0.00
C VAL B 107 -4.06 -18.86 0.52
N ASP B 108 -5.17 -18.29 1.00
CA ASP B 108 -5.18 -16.92 1.53
C ASP B 108 -4.88 -16.85 3.01
N HIS B 109 -4.28 -15.74 3.45
CA HIS B 109 -3.96 -15.55 4.87
C HIS B 109 -3.28 -16.83 5.37
N ASP B 110 -2.34 -17.33 4.57
CA ASP B 110 -1.64 -18.56 4.91
C ASP B 110 -0.37 -18.31 5.72
N LYS B 111 -0.29 -18.94 6.89
CA LYS B 111 0.85 -18.77 7.79
C LYS B 111 2.19 -19.18 7.19
N GLU B 112 2.17 -19.90 6.07
CA GLU B 112 3.41 -20.33 5.44
C GLU B 112 3.59 -19.74 4.05
N LEU B 113 2.48 -19.57 3.32
CA LEU B 113 2.58 -19.02 1.99
C LEU B 113 2.69 -17.50 2.05
N LEU B 114 1.95 -16.88 2.97
CA LEU B 114 1.98 -15.43 3.12
C LEU B 114 2.05 -14.77 1.75
N LEU B 115 1.11 -15.11 0.87
CA LEU B 115 1.11 -14.59 -0.49
C LEU B 115 0.79 -13.10 -0.62
N GLU B 116 -0.06 -12.58 0.24
CA GLU B 116 -0.43 -11.17 0.21
C GLU B 116 0.78 -10.32 0.53
N ILE B 117 1.68 -10.85 1.34
CA ILE B 117 2.86 -10.09 1.69
C ILE B 117 3.83 -9.98 0.51
N VAL B 118 4.05 -11.07 -0.22
CA VAL B 118 4.95 -10.99 -1.36
C VAL B 118 4.25 -10.27 -2.50
N ASP B 119 2.92 -10.38 -2.55
CA ASP B 119 2.18 -9.66 -3.60
C ASP B 119 2.45 -8.18 -3.38
N ASN B 120 2.35 -7.74 -2.12
CA ASN B 120 2.62 -6.34 -1.80
C ASN B 120 4.05 -5.97 -2.22
N GLU B 121 5.02 -6.82 -1.89
CA GLU B 121 6.39 -6.52 -2.30
C GLU B 121 6.48 -6.42 -3.81
N MET B 122 5.82 -7.34 -4.48
CA MET B 122 5.79 -7.36 -5.93
C MET B 122 5.29 -6.01 -6.40
N SER B 123 4.30 -5.51 -5.69
CA SER B 123 3.73 -4.21 -6.02
C SER B 123 4.77 -3.10 -5.95
N LYS B 124 5.59 -3.09 -4.90
CA LYS B 124 6.64 -2.09 -4.72
C LYS B 124 7.71 -2.24 -5.81
N PHE B 125 8.00 -3.48 -6.14
CA PHE B 125 8.96 -3.77 -7.19
C PHE B 125 8.48 -3.11 -8.49
N ALA B 126 7.18 -3.17 -8.74
CA ALA B 126 6.61 -2.58 -9.95
C ALA B 126 6.75 -1.07 -9.95
N GLU B 127 6.51 -0.44 -8.80
CA GLU B 127 6.65 1.01 -8.70
C GLU B 127 8.11 1.46 -8.94
N LEU B 128 9.05 0.69 -8.40
CA LEU B 128 10.47 0.99 -8.53
C LEU B 128 10.96 0.80 -9.96
N GLU B 129 10.56 -0.29 -10.59
CA GLU B 129 10.98 -0.58 -11.95
C GLU B 129 10.53 0.47 -12.96
N PHE B 130 9.46 1.20 -12.65
CA PHE B 130 8.96 2.22 -13.57
C PHE B 130 9.06 3.65 -13.03
N HIS B 131 10.10 3.92 -12.25
CA HIS B 131 10.31 5.25 -11.68
C HIS B 131 11.60 5.83 -12.25
N SER B 137 11.46 -0.06 -22.61
CA SER B 137 10.73 -0.10 -21.34
C SER B 137 9.25 -0.40 -21.57
N ASP B 138 8.61 -0.91 -20.53
CA ASP B 138 7.19 -1.26 -20.57
C ASP B 138 6.99 -2.60 -21.28
N CYS B 139 6.69 -3.61 -20.49
CA CYS B 139 6.47 -4.97 -20.97
C CYS B 139 5.04 -5.34 -20.62
N SER B 140 4.77 -6.64 -20.53
CA SER B 140 3.44 -7.11 -20.18
C SER B 140 3.46 -7.38 -18.68
N PHE B 141 2.29 -7.33 -18.03
CA PHE B 141 2.23 -7.57 -16.60
C PHE B 141 2.85 -8.93 -16.32
N PHE B 142 2.62 -9.86 -17.25
CA PHE B 142 3.16 -11.20 -17.10
C PHE B 142 4.69 -11.19 -17.05
N GLN B 143 5.30 -10.45 -17.98
CA GLN B 143 6.75 -10.37 -18.03
C GLN B 143 7.29 -9.71 -16.76
N LEU B 144 6.61 -8.66 -16.30
CA LEU B 144 7.02 -7.95 -15.09
C LEU B 144 7.05 -8.92 -13.94
N VAL B 145 6.04 -9.78 -13.87
CA VAL B 145 5.96 -10.76 -12.80
C VAL B 145 7.11 -11.75 -12.92
N MET B 146 7.51 -12.03 -14.15
CA MET B 146 8.62 -12.97 -14.35
C MET B 146 9.92 -12.35 -13.85
N LYS B 147 10.18 -11.09 -14.19
CA LYS B 147 11.40 -10.42 -13.75
C LYS B 147 11.50 -10.50 -12.22
N TYR B 148 10.41 -10.12 -11.55
CA TYR B 148 10.37 -10.13 -10.08
C TYR B 148 10.69 -11.51 -9.50
N LEU B 149 10.18 -12.54 -10.15
CA LEU B 149 10.40 -13.90 -9.67
C LEU B 149 11.87 -14.30 -9.82
N LEU B 150 12.46 -13.95 -10.95
CA LEU B 150 13.84 -14.30 -11.21
C LEU B 150 14.73 -13.50 -10.25
N GLN B 151 14.46 -12.21 -10.15
CA GLN B 151 15.23 -11.31 -9.32
C GLN B 151 15.10 -11.45 -7.79
N ARG B 152 14.07 -12.14 -7.32
CA ARG B 152 13.86 -12.29 -5.88
C ARG B 152 13.71 -13.74 -5.42
N ARG B 153 13.93 -14.67 -6.33
CA ARG B 153 13.80 -16.08 -6.01
C ARG B 153 14.62 -16.48 -4.77
N GLN B 154 15.79 -15.89 -4.58
CA GLN B 154 16.61 -16.24 -3.40
C GLN B 154 15.83 -16.02 -2.10
N PHE B 155 14.84 -15.14 -2.15
CA PHE B 155 14.06 -14.80 -0.97
C PHE B 155 12.64 -15.30 -1.01
N LEU B 156 12.35 -16.16 -1.99
CA LEU B 156 11.01 -16.72 -2.14
C LEU B 156 11.07 -18.23 -1.99
N THR B 157 10.03 -18.80 -1.39
CA THR B 157 9.95 -20.25 -1.23
C THR B 157 9.40 -20.81 -2.55
N ASN B 158 9.49 -22.12 -2.73
CA ASN B 158 8.99 -22.74 -3.96
C ASN B 158 7.49 -22.49 -4.17
N ASP B 159 6.71 -22.66 -3.12
CA ASP B 159 5.28 -22.43 -3.21
C ASP B 159 4.91 -20.96 -3.50
N GLN B 160 5.75 -20.04 -3.07
CA GLN B 160 5.48 -18.63 -3.32
C GLN B 160 5.73 -18.39 -4.80
N ILE B 161 6.78 -19.01 -5.33
CA ILE B 161 7.09 -18.85 -6.73
C ILE B 161 5.96 -19.44 -7.58
N ARG B 162 5.34 -20.49 -7.05
CA ARG B 162 4.25 -21.15 -7.77
C ARG B 162 2.92 -20.44 -7.72
N TYR B 163 2.46 -20.13 -6.51
CA TYR B 163 1.17 -19.49 -6.33
C TYR B 163 1.05 -17.97 -6.45
N LEU B 164 2.06 -17.20 -6.05
CA LEU B 164 1.97 -15.74 -6.14
C LEU B 164 1.58 -15.25 -7.54
N PRO B 165 2.28 -15.72 -8.58
CA PRO B 165 1.94 -15.27 -9.92
C PRO B 165 0.46 -15.51 -10.29
N GLN B 166 -0.13 -16.56 -9.74
CA GLN B 166 -1.53 -16.84 -10.02
C GLN B 166 -2.41 -15.92 -9.19
N LEU B 167 -1.98 -15.62 -7.96
CA LEU B 167 -2.75 -14.75 -7.09
C LEU B 167 -2.70 -13.30 -7.57
N CYS B 168 -1.52 -12.83 -7.94
CA CYS B 168 -1.35 -11.46 -8.37
C CYS B 168 -2.17 -11.13 -9.61
N ARG B 169 -2.65 -12.17 -10.30
CA ARG B 169 -3.43 -11.95 -11.51
C ARG B 169 -4.86 -11.45 -11.27
N TYR B 170 -5.25 -11.27 -10.00
CA TYR B 170 -6.60 -10.77 -9.71
C TYR B 170 -6.68 -9.40 -10.39
N LEU B 171 -5.51 -8.82 -10.66
CA LEU B 171 -5.44 -7.53 -11.33
C LEU B 171 -6.00 -7.58 -12.76
N GLU B 172 -6.15 -8.79 -13.30
CA GLU B 172 -6.70 -8.93 -14.66
C GLU B 172 -8.15 -8.48 -14.62
N LEU B 173 -8.81 -8.69 -13.48
CA LEU B 173 -10.20 -8.28 -13.33
C LEU B 173 -10.38 -6.79 -13.04
N TRP B 174 -9.28 -6.04 -12.86
CA TRP B 174 -9.39 -4.59 -12.65
C TRP B 174 -9.41 -3.99 -14.06
N HIS B 175 -8.71 -4.65 -14.98
CA HIS B 175 -8.62 -4.18 -16.36
C HIS B 175 -9.44 -4.95 -17.40
N GLY B 176 -9.78 -6.20 -17.09
CA GLY B 176 -10.53 -7.01 -18.03
C GLY B 176 -9.59 -7.47 -19.13
N LEU B 177 -8.33 -7.69 -18.77
CA LEU B 177 -7.29 -8.12 -19.69
C LEU B 177 -6.37 -9.18 -19.08
N ASP B 178 -6.06 -10.22 -19.85
CA ASP B 178 -5.17 -11.29 -19.41
C ASP B 178 -3.78 -10.66 -19.15
N TRP B 179 -2.99 -11.26 -18.27
CA TRP B 179 -1.68 -10.67 -17.96
C TRP B 179 -0.63 -10.59 -19.07
N LYS B 180 -0.90 -11.19 -20.23
CA LYS B 180 0.05 -11.13 -21.33
C LYS B 180 -0.38 -10.08 -22.35
N LEU B 181 -1.59 -9.57 -22.18
CA LEU B 181 -2.11 -8.55 -23.07
C LEU B 181 -2.02 -7.20 -22.38
N LEU B 182 -1.91 -7.24 -21.05
CA LEU B 182 -1.89 -6.02 -20.25
C LEU B 182 -0.53 -5.35 -20.05
N SER B 183 -0.55 -4.02 -20.21
CA SER B 183 0.61 -3.16 -20.04
C SER B 183 1.03 -3.19 -18.57
N ALA B 184 2.27 -3.57 -18.32
CA ALA B 184 2.78 -3.62 -16.95
C ALA B 184 2.83 -2.21 -16.36
N LYS B 185 3.22 -1.26 -17.19
CA LYS B 185 3.33 0.14 -16.80
C LYS B 185 2.04 0.70 -16.21
N ASP B 186 0.90 0.19 -16.65
CA ASP B 186 -0.39 0.68 -16.18
C ASP B 186 -1.17 -0.33 -15.31
N THR B 187 -0.57 -1.49 -15.05
CA THR B 187 -1.20 -2.55 -14.25
C THR B 187 -1.60 -2.10 -12.85
N TYR B 188 -0.61 -1.68 -12.05
CA TYR B 188 -0.91 -1.26 -10.69
C TYR B 188 -1.37 0.19 -10.65
N PHE B 189 -2.48 0.44 -9.96
CA PHE B 189 -2.94 1.80 -9.85
C PHE B 189 -3.55 2.02 -8.48
N GLY B 190 -3.04 3.02 -7.79
CA GLY B 190 -3.52 3.35 -6.47
C GLY B 190 -5.01 3.65 -6.43
N HIS B 191 -5.63 3.30 -5.32
CA HIS B 191 -7.05 3.53 -5.12
C HIS B 191 -7.20 4.58 -4.04
N GLN B 192 -8.06 5.55 -4.27
CA GLN B 192 -8.30 6.62 -3.31
C GLN B 192 -9.29 6.17 -2.23
N GLY B 193 -8.96 5.10 -1.51
CA GLY B 193 -9.84 4.61 -0.47
C GLY B 193 -10.70 3.43 -0.87
N ARG B 194 -11.59 3.01 0.02
CA ARG B 194 -12.46 1.87 -0.24
C ARG B 194 -13.46 2.02 -1.39
N ASN B 195 -14.04 0.90 -1.78
CA ASN B 195 -15.05 0.89 -2.84
C ASN B 195 -16.40 0.72 -2.19
N ALA B 196 -17.44 1.21 -2.85
CA ALA B 196 -18.80 1.09 -2.33
C ALA B 196 -19.67 0.47 -3.44
N PHE B 197 -20.35 -0.62 -3.12
CA PHE B 197 -21.20 -1.34 -4.08
C PHE B 197 -22.52 -0.57 -4.29
N ALA B 198 -22.75 -0.05 -5.48
CA ALA B 198 -23.97 0.69 -5.75
C ALA B 198 -25.15 -0.25 -5.63
N LEU B 199 -26.15 0.13 -4.84
CA LEU B 199 -27.32 -0.72 -4.70
C LEU B 199 -28.35 -0.16 -5.65
N ASN B 200 -27.93 -0.15 -6.92
CA ASN B 200 -28.73 0.34 -7.98
C ASN B 200 -28.03 1.47 -8.70
N TYR B 201 -27.14 1.15 -9.63
CA TYR B 201 -26.49 2.21 -10.38
C TYR B 201 -27.59 2.82 -11.24
N ASP B 202 -28.65 2.05 -11.47
CA ASP B 202 -29.77 2.54 -12.27
C ASP B 202 -30.44 3.71 -11.54
N SER B 203 -30.26 3.77 -10.22
CA SER B 203 -30.81 4.87 -9.44
C SER B 203 -30.03 6.13 -9.79
N VAL B 204 -28.71 5.97 -9.93
CA VAL B 204 -27.84 7.08 -10.29
C VAL B 204 -28.24 7.54 -11.68
N VAL B 205 -28.43 6.57 -12.57
CA VAL B 205 -28.82 6.84 -13.95
C VAL B 205 -30.19 7.53 -13.99
N GLN B 206 -31.14 7.01 -13.24
CA GLN B 206 -32.48 7.59 -13.21
C GLN B 206 -32.49 9.02 -12.68
N ARG B 207 -31.81 9.25 -11.56
CA ARG B 207 -31.76 10.60 -10.99
C ARG B 207 -31.26 11.63 -12.01
N ILE B 208 -30.16 11.30 -12.67
CA ILE B 208 -29.59 12.20 -13.66
C ILE B 208 -30.46 12.30 -14.93
N ALA B 209 -31.10 11.20 -15.30
CA ALA B 209 -31.96 11.17 -16.48
C ALA B 209 -33.14 12.13 -16.33
N GLN B 210 -33.75 12.14 -15.15
CA GLN B 210 -34.89 13.03 -14.96
C GLN B 210 -34.53 14.36 -14.29
N SER B 211 -33.35 14.88 -14.63
CA SER B 211 -32.91 16.17 -14.09
C SER B 211 -32.86 17.17 -15.24
N PHE B 212 -33.54 16.82 -16.33
CA PHE B 212 -33.64 17.67 -17.51
C PHE B 212 -34.91 17.28 -18.27
N PRO B 213 -35.36 18.13 -19.20
CA PRO B 213 -36.58 17.85 -19.97
C PRO B 213 -36.58 16.54 -20.75
N GLN B 214 -37.46 15.63 -20.34
CA GLN B 214 -37.58 14.32 -20.98
C GLN B 214 -37.65 14.41 -22.51
N ASN B 215 -38.31 15.45 -23.03
CA ASN B 215 -38.44 15.61 -24.47
C ASN B 215 -37.12 15.89 -25.17
N TRP B 216 -36.05 15.94 -24.39
CA TRP B 216 -34.71 16.17 -24.94
C TRP B 216 -34.15 14.84 -25.42
N LEU B 217 -34.59 13.77 -24.76
CA LEU B 217 -34.14 12.42 -25.05
C LEU B 217 -34.77 11.78 -26.29
N LYS B 218 -33.90 11.28 -27.16
CA LYS B 218 -34.34 10.62 -28.38
C LYS B 218 -33.66 9.26 -28.45
N LEU B 219 -34.41 8.21 -28.07
CA LEU B 219 -33.89 6.85 -28.07
C LEU B 219 -33.92 6.18 -29.45
N SER B 220 -33.14 5.10 -29.59
CA SER B 220 -33.05 4.36 -30.85
C SER B 220 -32.62 5.27 -32.00
N CYS B 221 -31.76 6.24 -31.72
CA CYS B 221 -31.25 7.17 -32.73
C CYS B 221 -29.78 6.89 -32.91
N GLU B 222 -29.42 6.23 -34.00
CA GLU B 222 -28.04 5.91 -34.28
C GLU B 222 -27.42 6.98 -35.16
N VAL B 223 -26.74 7.94 -34.54
CA VAL B 223 -26.09 9.02 -35.28
C VAL B 223 -25.09 8.41 -36.25
N LYS B 224 -25.18 8.75 -37.53
CA LYS B 224 -24.26 8.18 -38.51
C LYS B 224 -23.19 9.14 -39.03
N SER B 225 -23.44 10.44 -38.94
CA SER B 225 -22.45 11.40 -39.41
C SER B 225 -22.53 12.78 -38.73
N ILE B 226 -21.36 13.35 -38.44
CA ILE B 226 -21.27 14.67 -37.82
C ILE B 226 -20.48 15.57 -38.77
N THR B 227 -21.13 16.61 -39.27
CA THR B 227 -20.49 17.53 -40.22
C THR B 227 -20.34 18.96 -39.70
N ARG B 228 -19.16 19.54 -39.91
CA ARG B 228 -18.86 20.91 -39.48
C ARG B 228 -18.53 21.79 -40.68
N GLU B 229 -19.32 22.84 -40.87
CA GLU B 229 -19.07 23.77 -41.97
C GLU B 229 -18.35 24.97 -41.38
N PRO B 230 -17.28 25.45 -42.04
CA PRO B 230 -16.56 26.61 -41.51
C PRO B 230 -17.51 27.76 -41.18
N SER B 231 -18.75 27.64 -41.64
CA SER B 231 -19.80 28.61 -41.40
C SER B 231 -20.38 28.47 -40.00
N LYS B 232 -19.49 28.37 -39.01
CA LYS B 232 -19.88 28.24 -37.60
C LYS B 232 -21.13 27.42 -37.32
N ASN B 233 -21.08 26.13 -37.65
CA ASN B 233 -22.21 25.22 -37.40
C ASN B 233 -21.88 23.74 -37.57
N VAL B 234 -22.60 22.91 -36.82
CA VAL B 234 -22.41 21.47 -36.86
C VAL B 234 -23.70 20.73 -37.21
N THR B 235 -23.62 19.85 -38.20
CA THR B 235 -24.77 19.09 -38.63
C THR B 235 -24.66 17.62 -38.25
N VAL B 236 -25.64 17.16 -37.47
CA VAL B 236 -25.71 15.78 -37.02
C VAL B 236 -27.01 15.15 -37.48
N ASN B 237 -26.93 13.95 -38.05
CA ASN B 237 -28.13 13.28 -38.53
C ASN B 237 -28.16 11.78 -38.23
N CYS B 238 -29.18 11.35 -37.48
CA CYS B 238 -29.32 9.93 -37.15
C CYS B 238 -29.48 9.19 -38.48
N GLU B 239 -29.15 7.90 -38.49
CA GLU B 239 -29.23 7.11 -39.71
C GLU B 239 -30.63 6.87 -40.26
N ASP B 240 -31.65 7.27 -39.51
CA ASP B 240 -33.01 7.08 -39.98
C ASP B 240 -33.42 8.24 -40.90
N GLY B 241 -32.43 9.00 -41.35
CA GLY B 241 -32.72 10.12 -42.24
C GLY B 241 -32.81 11.50 -41.61
N THR B 242 -33.47 11.63 -40.46
CA THR B 242 -33.61 12.94 -39.82
C THR B 242 -32.25 13.62 -39.63
N VAL B 243 -32.21 14.93 -39.89
CA VAL B 243 -30.99 15.70 -39.74
C VAL B 243 -31.16 16.81 -38.69
N TYR B 244 -30.08 17.11 -37.98
CA TYR B 244 -30.08 18.15 -36.96
C TYR B 244 -28.89 19.08 -37.15
N ASN B 245 -29.08 20.35 -36.80
CA ASN B 245 -28.02 21.34 -36.93
C ASN B 245 -27.90 22.03 -35.57
N ALA B 246 -26.72 21.94 -34.96
CA ALA B 246 -26.53 22.55 -33.65
C ALA B 246 -25.23 23.33 -33.52
N ASP B 247 -25.25 24.27 -32.58
CA ASP B 247 -24.09 25.12 -32.32
C ASP B 247 -22.97 24.23 -31.79
N TYR B 248 -23.25 23.49 -30.71
CA TYR B 248 -22.25 22.61 -30.12
C TYR B 248 -22.62 21.12 -30.08
N VAL B 249 -21.60 20.29 -30.17
CA VAL B 249 -21.77 18.85 -30.18
C VAL B 249 -20.87 18.11 -29.19
N ILE B 250 -21.49 17.41 -28.24
CA ILE B 250 -20.76 16.62 -27.24
C ILE B 250 -20.90 15.14 -27.53
N ILE B 251 -19.88 14.56 -28.15
CA ILE B 251 -19.89 13.14 -28.53
C ILE B 251 -19.38 12.24 -27.40
N THR B 252 -20.23 11.35 -26.90
CA THR B 252 -19.80 10.46 -25.82
C THR B 252 -19.73 8.98 -26.16
N VAL B 253 -19.83 8.62 -27.43
CA VAL B 253 -19.77 7.20 -27.77
C VAL B 253 -18.48 6.63 -27.18
N PRO B 254 -18.48 5.34 -26.83
CA PRO B 254 -17.28 4.73 -26.25
C PRO B 254 -16.09 4.83 -27.19
N GLN B 255 -14.90 4.76 -26.61
CA GLN B 255 -13.66 4.82 -27.36
C GLN B 255 -13.63 3.76 -28.47
N SER B 256 -14.14 2.58 -28.15
CA SER B 256 -14.16 1.47 -29.10
C SER B 256 -15.00 1.82 -30.32
N VAL B 257 -16.16 2.43 -30.08
CA VAL B 257 -17.05 2.81 -31.16
C VAL B 257 -16.41 3.95 -31.94
N LEU B 258 -15.98 4.98 -31.22
CA LEU B 258 -15.34 6.13 -31.85
C LEU B 258 -14.14 5.74 -32.72
N ASN B 259 -13.49 4.63 -32.38
CA ASN B 259 -12.34 4.17 -33.15
C ASN B 259 -12.73 3.63 -34.51
N LEU B 260 -14.03 3.60 -34.81
CA LEU B 260 -14.48 3.11 -36.11
C LEU B 260 -14.37 4.21 -37.14
N SER B 261 -14.40 5.46 -36.68
CA SER B 261 -14.31 6.60 -37.56
C SER B 261 -13.01 6.57 -38.37
N VAL B 262 -11.89 6.36 -37.69
CA VAL B 262 -10.59 6.34 -38.35
C VAL B 262 -10.40 5.12 -39.26
N GLN B 263 -11.50 4.57 -39.77
CA GLN B 263 -11.46 3.40 -40.65
C GLN B 263 -12.71 3.42 -41.55
N PRO B 264 -12.75 2.55 -42.58
CA PRO B 264 -13.90 2.48 -43.49
C PRO B 264 -14.98 1.48 -43.05
N ASN B 267 -19.19 1.97 -42.37
CA ASN B 267 -20.41 1.20 -42.58
C ASN B 267 -20.79 0.32 -41.38
N LEU B 268 -19.87 0.15 -40.43
CA LEU B 268 -20.13 -0.67 -39.24
C LEU B 268 -21.18 -0.01 -38.36
N ARG B 269 -21.92 -0.81 -37.59
CA ARG B 269 -22.95 -0.26 -36.74
C ARG B 269 -22.38 0.59 -35.62
N GLY B 270 -22.94 1.79 -35.48
CA GLY B 270 -22.48 2.71 -34.46
C GLY B 270 -21.49 3.74 -34.99
N ARG B 271 -20.68 3.36 -35.97
CA ARG B 271 -19.69 4.28 -36.52
C ARG B 271 -20.23 5.62 -36.99
N ILE B 272 -19.56 6.70 -36.59
CA ILE B 272 -19.97 8.04 -36.99
C ILE B 272 -19.00 8.55 -38.05
N GLU B 273 -19.54 8.98 -39.18
CA GLU B 273 -18.72 9.53 -40.26
C GLU B 273 -18.52 11.01 -40.00
N PHE B 274 -17.27 11.40 -39.71
CA PHE B 274 -16.95 12.79 -39.41
C PHE B 274 -16.51 13.57 -40.63
N GLN B 275 -16.98 14.81 -40.74
CA GLN B 275 -16.63 15.67 -41.84
C GLN B 275 -16.40 17.10 -41.33
N PRO B 276 -15.14 17.57 -41.36
CA PRO B 276 -13.95 16.85 -41.85
C PRO B 276 -13.52 15.71 -40.93
N PRO B 277 -12.65 14.81 -41.42
CA PRO B 277 -12.18 13.69 -40.60
C PRO B 277 -11.55 14.15 -39.30
N LEU B 278 -11.47 13.24 -38.33
CA LEU B 278 -10.88 13.58 -37.04
C LEU B 278 -9.43 13.99 -37.23
N LYS B 279 -9.06 15.14 -36.68
CA LYS B 279 -7.69 15.64 -36.78
C LYS B 279 -6.68 14.54 -36.47
N PRO B 280 -5.42 14.73 -36.90
CA PRO B 280 -4.35 13.75 -36.67
C PRO B 280 -4.07 13.34 -35.23
N VAL B 281 -3.90 14.32 -34.34
CA VAL B 281 -3.62 14.04 -32.94
C VAL B 281 -4.55 12.97 -32.37
N ILE B 282 -5.82 13.07 -32.73
CA ILE B 282 -6.82 12.11 -32.26
C ILE B 282 -6.64 10.74 -32.89
N GLN B 283 -6.62 10.69 -34.22
CA GLN B 283 -6.47 9.43 -34.93
C GLN B 283 -5.20 8.68 -34.50
N ASP B 284 -4.17 9.44 -34.11
CA ASP B 284 -2.92 8.84 -33.67
C ASP B 284 -3.08 8.23 -32.27
N ALA B 285 -3.91 8.87 -31.45
CA ALA B 285 -4.14 8.41 -30.09
C ALA B 285 -4.69 6.98 -30.02
N PHE B 286 -5.48 6.58 -31.00
CA PHE B 286 -6.04 5.22 -31.01
C PHE B 286 -4.95 4.17 -31.11
N ASP B 287 -3.73 4.61 -31.44
CA ASP B 287 -2.60 3.71 -31.57
C ASP B 287 -1.95 3.45 -30.21
N LYS B 288 -2.08 4.41 -29.29
CA LYS B 288 -1.46 4.28 -27.97
C LYS B 288 -2.46 4.05 -26.83
N ILE B 289 -3.63 3.52 -27.16
CA ILE B 289 -4.65 3.23 -26.16
C ILE B 289 -5.60 2.18 -26.71
N HIS B 290 -5.99 1.23 -25.88
CA HIS B 290 -6.88 0.18 -26.33
C HIS B 290 -8.14 0.03 -25.50
N PHE B 291 -8.77 -1.13 -25.63
CA PHE B 291 -10.02 -1.40 -24.95
C PHE B 291 -10.05 -2.77 -24.25
N GLY B 292 -10.47 -2.79 -22.99
CA GLY B 292 -10.54 -4.04 -22.26
C GLY B 292 -11.88 -4.74 -22.42
N ALA B 293 -11.98 -5.96 -21.93
CA ALA B 293 -13.24 -6.70 -22.03
C ALA B 293 -13.66 -7.35 -20.71
N LEU B 294 -13.85 -6.54 -19.68
CA LEU B 294 -14.32 -7.06 -18.40
C LEU B 294 -15.73 -7.57 -18.67
N GLY B 295 -16.04 -8.78 -18.21
CA GLY B 295 -17.37 -9.33 -18.42
C GLY B 295 -17.94 -9.89 -17.13
N LYS B 296 -19.24 -10.21 -17.13
CA LYS B 296 -19.86 -10.74 -15.92
C LYS B 296 -20.82 -11.88 -16.14
N VAL B 297 -20.84 -12.79 -15.15
CA VAL B 297 -21.73 -13.93 -15.12
C VAL B 297 -22.37 -13.92 -13.74
N ILE B 298 -23.71 -13.92 -13.70
CA ILE B 298 -24.44 -13.94 -12.44
C ILE B 298 -24.98 -15.34 -12.20
N PHE B 299 -24.65 -15.92 -11.06
CA PHE B 299 -25.13 -17.26 -10.69
C PHE B 299 -26.12 -17.08 -9.55
N GLU B 300 -27.39 -17.32 -9.86
CA GLU B 300 -28.46 -17.17 -8.89
C GLU B 300 -28.87 -18.50 -8.25
N PHE B 301 -28.66 -18.62 -6.94
CA PHE B 301 -29.05 -19.84 -6.23
C PHE B 301 -30.40 -19.67 -5.52
N GLU B 302 -31.07 -20.79 -5.26
CA GLU B 302 -32.38 -20.76 -4.59
C GLU B 302 -32.27 -20.00 -3.28
N GLU B 303 -31.29 -20.37 -2.47
CA GLU B 303 -31.07 -19.70 -1.19
C GLU B 303 -29.63 -19.90 -0.76
N CYS B 304 -29.22 -19.20 0.29
CA CYS B 304 -27.85 -19.31 0.77
C CYS B 304 -27.69 -20.56 1.62
N CYS B 305 -26.68 -21.36 1.29
CA CYS B 305 -26.42 -22.58 2.05
C CYS B 305 -24.90 -22.78 2.11
N TRP B 306 -24.18 -21.67 2.13
CA TRP B 306 -22.72 -21.66 2.19
C TRP B 306 -22.26 -20.60 3.19
N SER B 307 -21.03 -20.72 3.65
CA SER B 307 -20.49 -19.77 4.61
C SER B 307 -20.27 -18.36 4.05
N ASN B 308 -20.71 -17.35 4.81
CA ASN B 308 -20.54 -15.97 4.40
C ASN B 308 -19.33 -15.31 5.08
N GLU B 309 -18.21 -16.01 5.07
CA GLU B 309 -16.98 -15.50 5.65
C GLU B 309 -16.56 -14.19 4.99
N SER B 310 -16.54 -14.20 3.66
CA SER B 310 -16.16 -13.03 2.89
C SER B 310 -17.03 -12.83 1.66
N SER B 311 -17.01 -11.63 1.09
CA SER B 311 -17.80 -11.35 -0.09
C SER B 311 -16.92 -11.32 -1.33
N LYS B 312 -15.61 -11.50 -1.12
CA LYS B 312 -14.63 -11.49 -2.21
C LYS B 312 -13.90 -12.82 -2.28
N ILE B 313 -14.09 -13.54 -3.39
CA ILE B 313 -13.47 -14.85 -3.58
C ILE B 313 -12.86 -14.95 -4.97
N VAL B 314 -11.57 -15.24 -5.03
CA VAL B 314 -10.88 -15.38 -6.31
C VAL B 314 -10.39 -16.81 -6.50
N THR B 315 -10.63 -17.38 -7.67
CA THR B 315 -10.15 -18.73 -7.95
C THR B 315 -8.89 -18.57 -8.79
N LEU B 316 -7.84 -19.29 -8.43
CA LEU B 316 -6.59 -19.21 -9.17
C LEU B 316 -6.51 -20.18 -10.35
N ALA B 317 -5.87 -19.74 -11.42
CA ALA B 317 -5.68 -20.58 -12.59
C ALA B 317 -4.72 -21.65 -12.08
N ASN B 318 -4.70 -22.83 -12.69
CA ASN B 318 -3.79 -23.88 -12.21
C ASN B 318 -2.32 -23.46 -12.33
N SER B 319 -1.49 -24.03 -11.47
CA SER B 319 -0.07 -23.74 -11.47
C SER B 319 0.74 -25.05 -11.46
N THR B 320 2.01 -25.01 -11.88
CA THR B 320 2.85 -26.22 -11.90
C THR B 320 4.23 -26.08 -11.27
N ASN B 321 4.72 -27.15 -10.66
CA ASN B 321 6.03 -27.12 -10.02
C ASN B 321 7.13 -27.05 -11.07
N GLU B 322 6.78 -27.40 -12.30
CA GLU B 322 7.74 -27.35 -13.40
C GLU B 322 8.01 -25.87 -13.69
N PHE B 323 7.06 -25.01 -13.33
CA PHE B 323 7.24 -23.58 -13.53
C PHE B 323 8.32 -23.11 -12.54
N VAL B 324 8.30 -23.69 -11.34
CA VAL B 324 9.28 -23.34 -10.33
C VAL B 324 10.68 -23.70 -10.80
N GLU B 325 10.89 -24.99 -11.08
CA GLU B 325 12.18 -25.48 -11.54
C GLU B 325 12.71 -24.55 -12.61
N ILE B 326 11.84 -24.09 -13.50
CA ILE B 326 12.26 -23.20 -14.56
C ILE B 326 12.76 -21.86 -13.99
N VAL B 327 12.16 -21.41 -12.90
CA VAL B 327 12.55 -20.15 -12.28
C VAL B 327 13.86 -20.37 -11.53
N ARG B 328 13.96 -21.49 -10.84
CA ARG B 328 15.17 -21.83 -10.09
C ARG B 328 16.38 -22.02 -11.01
N ASN B 329 16.13 -22.60 -12.18
CA ASN B 329 17.20 -22.90 -13.14
C ASN B 329 17.58 -21.83 -14.16
N ALA B 330 16.63 -20.98 -14.54
CA ALA B 330 16.90 -19.94 -15.53
C ALA B 330 18.20 -19.17 -15.23
N GLU B 331 19.02 -18.99 -16.26
CA GLU B 331 20.27 -18.26 -16.13
C GLU B 331 19.95 -16.79 -16.01
N ASN B 332 19.46 -16.21 -17.09
CA ASN B 332 19.10 -14.80 -17.10
C ASN B 332 17.61 -14.69 -17.45
N LEU B 333 17.20 -13.49 -17.87
CA LEU B 333 15.80 -13.26 -18.22
C LEU B 333 15.44 -13.86 -19.58
N ASP B 334 16.37 -13.82 -20.52
CA ASP B 334 16.14 -14.36 -21.86
C ASP B 334 15.97 -15.87 -21.90
N GLU B 335 16.73 -16.59 -21.09
CA GLU B 335 16.61 -18.05 -21.05
C GLU B 335 15.36 -18.47 -20.29
N LEU B 336 14.86 -17.60 -19.43
CA LEU B 336 13.65 -17.89 -18.66
C LEU B 336 12.50 -18.06 -19.65
N ASP B 337 12.43 -17.16 -20.62
CA ASP B 337 11.40 -17.24 -21.64
C ASP B 337 11.48 -18.58 -22.34
N SER B 338 12.62 -18.85 -22.98
CA SER B 338 12.85 -20.10 -23.69
C SER B 338 12.27 -21.28 -22.94
N MET B 339 12.76 -21.51 -21.73
CA MET B 339 12.27 -22.62 -20.92
C MET B 339 10.76 -22.54 -20.69
N LEU B 340 10.24 -21.32 -20.61
CA LEU B 340 8.82 -21.12 -20.38
C LEU B 340 7.97 -21.41 -21.61
N GLU B 341 8.44 -21.02 -22.78
CA GLU B 341 7.71 -21.29 -24.02
C GLU B 341 7.78 -22.79 -24.33
N ARG B 342 7.54 -23.60 -23.31
CA ARG B 342 7.56 -25.06 -23.43
C ARG B 342 6.82 -25.71 -22.26
N THR B 349 -3.73 -27.98 -24.96
CA THR B 349 -4.35 -26.66 -24.88
C THR B 349 -5.64 -26.76 -24.09
N SER B 350 -6.74 -26.32 -24.70
CA SER B 350 -8.07 -26.37 -24.10
C SER B 350 -8.28 -25.35 -22.97
N VAL B 351 -9.40 -24.63 -23.05
CA VAL B 351 -9.75 -23.61 -22.07
C VAL B 351 -10.81 -24.12 -21.12
N THR B 352 -10.55 -24.01 -19.82
CA THR B 352 -11.50 -24.45 -18.81
C THR B 352 -11.64 -23.35 -17.78
N CYS B 353 -12.56 -23.54 -16.82
CA CYS B 353 -12.77 -22.55 -15.79
C CYS B 353 -11.51 -22.34 -14.97
N TRP B 354 -10.58 -23.31 -15.05
CA TRP B 354 -9.33 -23.22 -14.30
C TRP B 354 -8.16 -22.65 -15.12
N SER B 355 -8.43 -22.26 -16.36
CA SER B 355 -7.37 -21.71 -17.22
C SER B 355 -7.05 -20.24 -16.97
N GLN B 356 -7.83 -19.59 -16.10
CA GLN B 356 -7.62 -18.18 -15.77
C GLN B 356 -8.22 -17.88 -14.41
N PRO B 357 -7.80 -16.78 -13.79
CA PRO B 357 -8.37 -16.47 -12.49
C PRO B 357 -9.77 -15.91 -12.72
N LEU B 358 -10.66 -16.20 -11.79
CA LEU B 358 -12.04 -15.71 -11.86
C LEU B 358 -12.33 -15.03 -10.52
N PHE B 359 -13.01 -13.88 -10.60
CA PHE B 359 -13.35 -13.11 -9.41
C PHE B 359 -14.82 -13.21 -9.04
N PHE B 360 -15.10 -13.88 -7.92
CA PHE B 360 -16.47 -14.06 -7.46
C PHE B 360 -16.86 -13.16 -6.28
N VAL B 361 -17.92 -12.38 -6.48
CA VAL B 361 -18.42 -11.53 -5.42
C VAL B 361 -19.56 -12.33 -4.79
N ASN B 362 -19.41 -12.67 -3.51
CA ASN B 362 -20.45 -13.42 -2.80
C ASN B 362 -21.48 -12.40 -2.31
N LEU B 363 -22.47 -12.12 -3.13
CA LEU B 363 -23.50 -11.15 -2.79
C LEU B 363 -24.27 -11.40 -1.49
N SER B 364 -24.24 -12.63 -1.00
CA SER B 364 -24.98 -12.97 0.22
C SER B 364 -24.51 -12.17 1.44
N LYS B 365 -23.20 -12.14 1.67
CA LYS B 365 -22.66 -11.42 2.83
C LYS B 365 -22.86 -9.91 2.80
N SER B 366 -22.71 -9.30 1.62
CA SER B 366 -22.86 -7.85 1.48
C SER B 366 -24.25 -7.32 1.16
N THR B 367 -25.07 -8.09 0.45
CA THR B 367 -26.40 -7.62 0.08
C THR B 367 -27.55 -8.55 0.50
N GLY B 368 -27.22 -9.67 1.11
CA GLY B 368 -28.26 -10.59 1.54
C GLY B 368 -28.91 -11.37 0.42
N VAL B 369 -28.29 -11.38 -0.76
CA VAL B 369 -28.87 -12.11 -1.88
C VAL B 369 -28.07 -13.38 -2.18
N ALA B 370 -28.81 -14.46 -2.42
CA ALA B 370 -28.20 -15.76 -2.70
C ALA B 370 -27.67 -15.85 -4.12
N SER B 371 -26.66 -15.04 -4.44
CA SER B 371 -26.09 -15.08 -5.77
C SER B 371 -24.60 -14.69 -5.78
N PHE B 372 -23.90 -15.10 -6.83
CA PHE B 372 -22.49 -14.76 -7.00
C PHE B 372 -22.39 -13.89 -8.25
N MET B 373 -21.67 -12.78 -8.15
CA MET B 373 -21.46 -11.95 -9.32
C MET B 373 -20.02 -12.23 -9.69
N MET B 374 -19.84 -12.96 -10.79
CA MET B 374 -18.50 -13.33 -11.22
C MET B 374 -17.99 -12.43 -12.34
N LEU B 375 -16.75 -11.96 -12.18
CA LEU B 375 -16.11 -11.10 -13.17
C LEU B 375 -15.10 -11.90 -13.99
N MET B 376 -14.98 -11.58 -15.28
CA MET B 376 -14.06 -12.28 -16.16
C MET B 376 -13.33 -11.32 -17.10
N GLN B 377 -12.28 -11.80 -17.75
CA GLN B 377 -11.47 -10.99 -18.64
C GLN B 377 -11.23 -11.56 -20.04
N ALA B 378 -10.68 -10.72 -20.92
CA ALA B 378 -10.32 -11.15 -22.26
C ALA B 378 -9.11 -12.06 -22.07
N PRO B 379 -8.94 -13.09 -22.91
CA PRO B 379 -9.75 -13.50 -24.05
C PRO B 379 -11.03 -14.28 -23.68
N LEU B 380 -11.14 -14.70 -22.43
CA LEU B 380 -12.30 -15.48 -22.00
C LEU B 380 -13.67 -14.83 -22.10
N THR B 381 -13.74 -13.52 -21.87
CA THR B 381 -15.03 -12.83 -21.90
C THR B 381 -15.86 -13.04 -23.17
N ASN B 382 -15.27 -12.69 -24.31
CA ASN B 382 -15.92 -12.80 -25.60
C ASN B 382 -16.47 -14.22 -25.85
N HIS B 383 -15.69 -15.24 -25.45
CA HIS B 383 -16.10 -16.62 -25.63
C HIS B 383 -17.31 -17.02 -24.80
N ILE B 384 -17.39 -16.56 -23.56
CA ILE B 384 -18.54 -16.89 -22.68
C ILE B 384 -19.78 -16.07 -23.03
N GLU B 385 -19.58 -14.83 -23.49
CA GLU B 385 -20.72 -14.00 -23.86
C GLU B 385 -21.32 -14.56 -25.17
N SER B 386 -20.47 -15.19 -25.98
CA SER B 386 -20.91 -15.79 -27.25
C SER B 386 -21.91 -16.92 -27.00
N ILE B 387 -21.72 -17.69 -25.94
CA ILE B 387 -22.62 -18.78 -25.61
C ILE B 387 -23.53 -18.41 -24.44
N ARG B 388 -23.82 -17.12 -24.30
CA ARG B 388 -24.64 -16.63 -23.19
C ARG B 388 -26.04 -17.20 -23.08
N GLU B 389 -26.57 -17.75 -24.18
CA GLU B 389 -27.91 -18.33 -24.15
C GLU B 389 -27.85 -19.82 -23.84
N ASP B 390 -26.67 -20.42 -23.94
CA ASP B 390 -26.54 -21.86 -23.70
C ASP B 390 -26.31 -22.16 -22.22
N LYS B 391 -27.38 -22.08 -21.43
CA LYS B 391 -27.32 -22.33 -19.99
C LYS B 391 -26.61 -23.61 -19.59
N GLU B 392 -26.95 -24.71 -20.24
CA GLU B 392 -26.33 -26.01 -19.96
C GLU B 392 -24.80 -25.90 -20.12
N ARG B 393 -24.39 -25.36 -21.27
CA ARG B 393 -22.98 -25.17 -21.62
C ARG B 393 -22.26 -24.31 -20.56
N LEU B 394 -22.91 -23.23 -20.15
CA LEU B 394 -22.37 -22.33 -19.15
C LEU B 394 -22.23 -23.01 -17.78
N PHE B 395 -23.25 -23.74 -17.37
CA PHE B 395 -23.19 -24.42 -16.08
C PHE B 395 -22.09 -25.47 -16.11
N SER B 396 -21.98 -26.18 -17.23
CA SER B 396 -20.96 -27.21 -17.37
C SER B 396 -19.53 -26.64 -17.34
N PHE B 397 -19.36 -25.46 -17.92
CA PHE B 397 -18.05 -24.82 -17.95
C PHE B 397 -17.58 -24.36 -16.56
N PHE B 398 -18.49 -23.76 -15.80
CA PHE B 398 -18.17 -23.22 -14.46
C PHE B 398 -18.39 -24.16 -13.28
N GLN B 399 -19.04 -25.28 -13.53
CA GLN B 399 -19.34 -26.23 -12.48
C GLN B 399 -18.16 -26.55 -11.55
N PRO B 400 -17.00 -26.92 -12.13
CA PRO B 400 -15.84 -27.23 -11.29
C PRO B 400 -15.40 -26.15 -10.27
N VAL B 401 -15.31 -24.90 -10.72
CA VAL B 401 -14.89 -23.82 -9.81
C VAL B 401 -15.99 -23.48 -8.82
N LEU B 402 -17.24 -23.69 -9.22
CA LEU B 402 -18.36 -23.42 -8.33
C LEU B 402 -18.35 -24.48 -7.22
N ASN B 403 -18.14 -25.73 -7.57
CA ASN B 403 -18.09 -26.77 -6.56
C ASN B 403 -16.88 -26.53 -5.65
N LYS B 404 -15.74 -26.15 -6.24
CA LYS B 404 -14.57 -25.92 -5.42
C LYS B 404 -14.82 -24.79 -4.44
N ILE B 405 -15.60 -23.79 -4.86
CA ILE B 405 -15.93 -22.68 -4.01
C ILE B 405 -16.84 -23.17 -2.89
N MET B 406 -17.94 -23.82 -3.24
CA MET B 406 -18.86 -24.31 -2.22
C MET B 406 -18.18 -25.21 -1.20
N LYS B 407 -17.27 -26.06 -1.68
CA LYS B 407 -16.56 -26.95 -0.79
C LYS B 407 -15.85 -26.08 0.25
N CYS B 408 -15.01 -25.18 -0.23
CA CYS B 408 -14.24 -24.27 0.62
C CYS B 408 -15.12 -23.44 1.54
N LEU B 409 -16.40 -23.28 1.19
CA LEU B 409 -17.29 -22.49 2.01
C LEU B 409 -18.23 -23.40 2.80
N ASP B 410 -17.71 -24.57 3.18
CA ASP B 410 -18.44 -25.57 3.96
C ASP B 410 -19.83 -25.94 3.42
N SER B 411 -19.89 -26.23 2.13
CA SER B 411 -21.15 -26.60 1.50
C SER B 411 -20.92 -27.78 0.56
N GLU B 412 -21.95 -28.13 -0.20
CA GLU B 412 -21.90 -29.25 -1.13
C GLU B 412 -21.82 -28.81 -2.60
N ASP B 413 -21.60 -29.79 -3.48
CA ASP B 413 -21.54 -29.53 -4.91
C ASP B 413 -22.86 -28.93 -5.39
N VAL B 414 -22.79 -28.15 -6.45
CA VAL B 414 -23.97 -27.50 -6.99
C VAL B 414 -24.95 -28.40 -7.76
N ILE B 415 -26.24 -28.17 -7.55
CA ILE B 415 -27.27 -28.91 -8.23
C ILE B 415 -27.88 -28.00 -9.28
N ASP B 416 -28.04 -28.53 -10.49
CA ASP B 416 -28.61 -27.78 -11.59
C ASP B 416 -30.13 -27.74 -11.48
N GLY B 417 -30.66 -26.64 -10.97
CA GLY B 417 -32.09 -26.52 -10.85
C GLY B 417 -32.61 -25.43 -11.75
N MET B 418 -31.93 -25.23 -12.88
CA MET B 418 -32.31 -24.19 -13.82
C MET B 418 -33.58 -24.45 -14.61
N ARG B 419 -34.01 -25.71 -14.66
CA ARG B 419 -35.22 -26.04 -15.41
C ARG B 419 -36.45 -26.16 -14.51
N PRO B 420 -37.32 -25.13 -14.53
CA PRO B 420 -38.56 -25.08 -13.74
C PRO B 420 -39.58 -26.14 -14.18
N GLU B 422 -39.76 -28.72 -9.21
CA GLU B 422 -38.98 -29.55 -10.13
C GLU B 422 -37.66 -29.96 -9.51
N ASN B 423 -37.71 -30.41 -8.25
CA ASN B 423 -36.53 -30.85 -7.52
C ASN B 423 -36.87 -31.69 -6.28
N ILE B 424 -37.37 -31.02 -5.24
CA ILE B 424 -37.77 -31.67 -3.99
C ILE B 424 -36.60 -32.19 -3.15
N ALA B 425 -35.55 -32.66 -3.82
CA ALA B 425 -34.36 -33.17 -3.13
C ALA B 425 -33.31 -32.06 -3.00
N ASN B 426 -33.65 -31.04 -2.22
CA ASN B 426 -32.77 -29.90 -2.00
C ASN B 426 -32.65 -29.59 -0.51
N ALA B 427 -33.01 -28.37 -0.12
CA ALA B 427 -32.97 -27.92 1.26
C ALA B 427 -31.71 -28.34 2.03
N ASN B 428 -30.67 -28.72 1.29
CA ASN B 428 -29.42 -29.14 1.91
C ASN B 428 -28.22 -28.67 1.08
N LYS B 429 -28.32 -28.82 -0.24
CA LYS B 429 -27.25 -28.42 -1.14
C LYS B 429 -27.63 -27.18 -1.95
N PRO B 430 -26.64 -26.40 -2.39
CA PRO B 430 -26.95 -25.20 -3.17
C PRO B 430 -27.60 -25.55 -4.50
N VAL B 431 -28.73 -24.90 -4.80
CA VAL B 431 -29.47 -25.13 -6.02
C VAL B 431 -29.41 -23.93 -6.99
N LEU B 432 -28.69 -24.08 -8.10
CA LEU B 432 -28.57 -23.01 -9.08
C LEU B 432 -29.92 -22.85 -9.78
N ARG B 433 -30.47 -21.65 -9.75
CA ARG B 433 -31.76 -21.43 -10.40
C ARG B 433 -31.65 -20.66 -11.70
N ASN B 434 -30.52 -19.99 -11.92
CA ASN B 434 -30.36 -19.22 -13.14
C ASN B 434 -28.98 -18.62 -13.31
N ILE B 435 -28.63 -18.33 -14.56
CA ILE B 435 -27.35 -17.74 -14.93
C ILE B 435 -27.60 -16.54 -15.84
N ILE B 436 -26.98 -15.40 -15.53
CA ILE B 436 -27.13 -14.20 -16.36
C ILE B 436 -25.75 -13.80 -16.85
N VAL B 437 -25.59 -13.66 -18.15
CA VAL B 437 -24.31 -13.28 -18.69
C VAL B 437 -24.40 -11.89 -19.32
N SER B 438 -23.29 -11.15 -19.31
CA SER B 438 -23.23 -9.83 -19.92
C SER B 438 -23.10 -10.04 -21.42
N ASN B 439 -22.93 -8.96 -22.18
CA ASN B 439 -22.83 -9.07 -23.63
C ASN B 439 -22.08 -7.88 -24.24
N TRP B 440 -21.33 -7.17 -23.41
CA TRP B 440 -20.61 -5.97 -23.85
C TRP B 440 -19.67 -6.14 -25.05
N THR B 441 -19.04 -7.29 -25.18
CA THR B 441 -18.12 -7.47 -26.32
C THR B 441 -18.88 -7.71 -27.63
N ARG B 442 -20.16 -8.05 -27.52
CA ARG B 442 -20.96 -8.32 -28.70
C ARG B 442 -22.01 -7.25 -28.96
N ASP B 443 -22.05 -6.25 -28.09
CA ASP B 443 -22.99 -5.14 -28.26
C ASP B 443 -22.25 -4.17 -29.16
N PRO B 444 -22.74 -3.95 -30.38
CA PRO B 444 -22.07 -3.03 -31.30
C PRO B 444 -21.95 -1.60 -30.77
N TYR B 445 -22.68 -1.28 -29.71
CA TYR B 445 -22.65 0.04 -29.15
C TYR B 445 -21.70 0.21 -27.94
N SER B 446 -21.01 -0.86 -27.58
CA SER B 446 -20.05 -0.83 -26.49
C SER B 446 -18.75 -1.49 -26.95
N ARG B 447 -18.89 -2.54 -27.77
CA ARG B 447 -17.73 -3.26 -28.30
C ARG B 447 -16.62 -3.38 -27.28
N GLY B 448 -16.95 -3.94 -26.12
CA GLY B 448 -15.96 -4.07 -25.06
C GLY B 448 -16.47 -3.42 -23.78
N ALA B 449 -15.60 -3.33 -22.77
CA ALA B 449 -15.98 -2.76 -21.48
C ALA B 449 -15.52 -1.31 -21.24
N TYR B 450 -14.22 -1.04 -21.37
CA TYR B 450 -13.71 0.32 -21.16
C TYR B 450 -12.24 0.48 -21.51
N SER B 451 -11.77 1.74 -21.50
CA SER B 451 -10.37 2.08 -21.82
C SER B 451 -9.45 1.13 -21.09
N ALA B 452 -8.44 0.62 -21.79
CA ALA B 452 -7.47 -0.29 -21.18
C ALA B 452 -6.15 -0.28 -21.97
N CYS B 453 -5.04 -0.48 -21.26
CA CYS B 453 -3.71 -0.44 -21.86
C CYS B 453 -3.01 -1.75 -22.18
N PHE B 454 -2.45 -1.81 -23.39
CA PHE B 454 -1.67 -2.95 -23.85
C PHE B 454 -0.23 -2.45 -23.66
N PRO B 455 0.74 -3.37 -23.51
CA PRO B 455 2.10 -2.85 -23.33
C PRO B 455 2.53 -1.91 -24.44
N GLY B 456 2.97 -0.71 -24.04
CA GLY B 456 3.40 0.27 -25.01
C GLY B 456 2.40 1.42 -25.15
N ASP B 457 1.25 1.28 -24.51
CA ASP B 457 0.25 2.33 -24.60
C ASP B 457 0.57 3.48 -23.66
N ASP B 458 -0.03 4.63 -23.96
CA ASP B 458 0.13 5.84 -23.16
C ASP B 458 -1.22 6.54 -23.19
N PRO B 459 -2.11 6.15 -22.27
CA PRO B 459 -3.47 6.69 -22.14
C PRO B 459 -3.61 8.21 -22.05
N VAL B 460 -2.51 8.93 -21.81
CA VAL B 460 -2.58 10.39 -21.72
C VAL B 460 -2.91 11.07 -23.04
N ASP B 461 -2.39 10.53 -24.14
CA ASP B 461 -2.63 11.12 -25.46
C ASP B 461 -4.11 11.19 -25.81
N MET B 462 -4.82 10.09 -25.57
CA MET B 462 -6.25 10.05 -25.85
C MET B 462 -6.97 11.05 -24.94
N VAL B 463 -6.51 11.17 -23.69
CA VAL B 463 -7.12 12.10 -22.75
C VAL B 463 -7.00 13.55 -23.21
N VAL B 464 -5.80 13.96 -23.60
CA VAL B 464 -5.60 15.32 -24.08
C VAL B 464 -6.33 15.51 -25.40
N ALA B 465 -6.14 14.55 -26.30
CA ALA B 465 -6.79 14.60 -27.61
C ALA B 465 -8.29 14.81 -27.47
N MET B 466 -8.90 14.09 -26.52
CA MET B 466 -10.34 14.19 -26.27
C MET B 466 -10.70 15.47 -25.53
N SER B 467 -9.92 15.79 -24.50
CA SER B 467 -10.14 16.98 -23.69
C SER B 467 -10.18 18.27 -24.50
N ASN B 468 -9.28 18.40 -25.47
CA ASN B 468 -9.23 19.59 -26.30
C ASN B 468 -10.27 19.54 -27.43
N GLY B 469 -10.59 18.35 -27.91
CA GLY B 469 -11.59 18.21 -28.95
C GLY B 469 -11.14 18.31 -30.40
N GLN B 470 -12.09 18.10 -31.31
CA GLN B 470 -11.83 18.18 -32.74
C GLN B 470 -11.73 19.66 -33.08
N ASP B 471 -12.64 20.45 -32.51
CA ASP B 471 -12.68 21.90 -32.69
C ASP B 471 -13.59 22.51 -31.63
N SER B 472 -13.71 23.83 -31.64
CA SER B 472 -14.52 24.56 -30.66
C SER B 472 -15.99 24.13 -30.56
N ARG B 473 -16.48 23.33 -31.52
CA ARG B 473 -17.87 22.89 -31.48
C ARG B 473 -18.08 21.37 -31.54
N ILE B 474 -17.00 20.62 -31.75
CA ILE B 474 -17.07 19.16 -31.79
C ILE B 474 -16.24 18.65 -30.61
N ARG B 475 -16.90 18.51 -29.46
CA ARG B 475 -16.23 18.07 -28.23
C ARG B 475 -16.39 16.57 -27.95
N PHE B 476 -15.81 16.13 -26.83
CA PHE B 476 -15.89 14.74 -26.45
C PHE B 476 -16.01 14.56 -24.95
N ALA B 477 -16.72 13.52 -24.54
CA ALA B 477 -16.91 13.20 -23.13
C ALA B 477 -16.92 11.69 -23.05
N GLY B 478 -16.68 11.14 -21.87
CA GLY B 478 -16.67 9.70 -21.73
C GLY B 478 -15.53 9.21 -20.88
N GLU B 479 -15.72 8.04 -20.27
CA GLU B 479 -14.72 7.44 -19.40
C GLU B 479 -13.31 7.45 -19.97
N HIS B 480 -13.20 7.65 -21.29
CA HIS B 480 -11.92 7.64 -21.98
C HIS B 480 -11.40 9.04 -22.30
N THR B 481 -12.12 10.06 -21.85
CA THR B 481 -11.72 11.44 -22.12
C THR B 481 -11.32 12.20 -20.86
N ILE B 482 -10.79 11.49 -19.87
CA ILE B 482 -10.44 12.16 -18.64
C ILE B 482 -9.35 11.41 -17.83
N MET B 483 -8.56 12.17 -17.08
CA MET B 483 -7.47 11.61 -16.27
C MET B 483 -7.95 11.02 -14.95
N ASP B 484 -8.58 11.83 -14.10
CA ASP B 484 -9.08 11.33 -12.83
C ASP B 484 -10.38 10.58 -13.08
N GLY B 485 -10.40 9.30 -12.71
CA GLY B 485 -11.59 8.49 -12.90
C GLY B 485 -11.60 7.85 -14.27
N ALA B 486 -10.44 7.83 -14.92
CA ALA B 486 -10.32 7.23 -16.24
C ALA B 486 -10.93 5.81 -16.19
N GLY B 487 -11.73 5.47 -17.19
CA GLY B 487 -12.36 4.17 -17.22
C GLY B 487 -13.45 3.94 -16.17
N CYS B 488 -13.66 4.89 -15.27
CA CYS B 488 -14.67 4.73 -14.24
C CYS B 488 -15.96 5.51 -14.51
N ALA B 489 -17.04 5.10 -13.84
CA ALA B 489 -18.33 5.77 -13.99
C ALA B 489 -18.26 7.25 -13.62
N TYR B 490 -17.55 7.59 -12.55
CA TYR B 490 -17.46 9.00 -12.16
C TYR B 490 -16.56 9.77 -13.11
N GLY B 491 -15.57 9.09 -13.66
CA GLY B 491 -14.70 9.76 -14.59
C GLY B 491 -15.56 10.25 -15.74
N ALA B 492 -16.36 9.34 -16.28
CA ALA B 492 -17.25 9.66 -17.40
C ALA B 492 -18.19 10.78 -16.99
N TRP B 493 -18.72 10.67 -15.78
CA TRP B 493 -19.63 11.66 -15.20
C TRP B 493 -19.00 13.05 -15.24
N GLU B 494 -17.78 13.16 -14.72
CA GLU B 494 -17.07 14.43 -14.69
C GLU B 494 -16.83 14.97 -16.10
N SER B 495 -16.42 14.10 -17.01
CA SER B 495 -16.16 14.51 -18.38
C SER B 495 -17.42 15.13 -18.96
N GLY B 496 -18.59 14.63 -18.54
CA GLY B 496 -19.83 15.16 -19.05
C GLY B 496 -20.07 16.59 -18.54
N ARG B 497 -19.71 16.83 -17.28
CA ARG B 497 -19.89 18.16 -16.71
C ARG B 497 -18.88 19.12 -17.32
N ARG B 498 -17.64 18.66 -17.48
CA ARG B 498 -16.58 19.46 -18.06
C ARG B 498 -17.06 20.11 -19.34
N GLU B 499 -17.09 19.32 -20.40
CA GLU B 499 -17.52 19.78 -21.71
C GLU B 499 -18.78 20.60 -21.60
N ALA B 500 -19.66 20.20 -20.69
CA ALA B 500 -20.92 20.90 -20.48
C ALA B 500 -20.69 22.34 -20.06
N THR B 501 -19.97 22.53 -18.95
CA THR B 501 -19.69 23.88 -18.46
C THR B 501 -19.08 24.77 -19.56
N ARG B 502 -17.94 24.35 -20.09
CA ARG B 502 -17.27 25.10 -21.16
C ARG B 502 -18.24 25.61 -22.22
N ILE B 503 -19.26 24.81 -22.53
CA ILE B 503 -20.27 25.17 -23.51
C ILE B 503 -21.36 26.05 -22.93
N SER B 504 -21.64 25.90 -21.64
CA SER B 504 -22.65 26.72 -20.99
C SER B 504 -22.16 28.16 -20.99
N ASP B 505 -20.91 28.35 -20.58
CA ASP B 505 -20.32 29.68 -20.54
C ASP B 505 -20.40 30.34 -21.92
N LEU B 506 -19.80 29.70 -22.91
CA LEU B 506 -19.78 30.22 -24.28
C LEU B 506 -21.12 30.69 -24.85
N LEU B 507 -22.21 30.03 -24.48
CA LEU B 507 -23.54 30.40 -24.98
C LEU B 507 -24.26 31.42 -24.10
N LYS B 508 -24.10 31.31 -22.78
CA LYS B 508 -24.75 32.23 -21.87
C LYS B 508 -24.11 33.61 -22.01
N LEU B 509 -23.12 33.70 -22.90
CA LEU B 509 -22.42 34.94 -23.18
C LEU B 509 -23.34 35.91 -23.93
#